data_6CMK
#
_entry.id   6CMK
#
_cell.length_a   54.230
_cell.length_b   128.790
_cell.length_c   56.850
_cell.angle_alpha   90.00
_cell.angle_beta   105.20
_cell.angle_gamma   90.00
#
_symmetry.space_group_name_H-M   'P 1 21 1'
#
loop_
_entity.id
_entity.type
_entity.pdbx_description
1 polymer 'AztD protein'
2 non-polymer '2-(N-MORPHOLINO)-ETHANESULFONIC ACID'
3 non-polymer 'ZINC ION'
4 non-polymer 1,2-ETHANEDIOL
5 non-polymer 'TRIETHYLENE GLYCOL'
6 non-polymer DI(HYDROXYETHYL)ETHER
7 water water
#
_entity_poly.entity_id   1
_entity_poly.type   'polypeptide(L)'
_entity_poly.pdbx_seq_one_letter_code
;MMENIMKKRLLSTSISTLLLGLSVMPAFADEDVTAWRLFIADHDKPVVNVIDALDGDKLATFNVKGPANLSRSESGATIF
AIQGSAGVVSTIASGIAFHDHGDHADIDIDAPKLLPLELTGKKPGHFVERQGKIAQWFDGEDSAQILGESAVLKGQKNIT
KVNVVAPHHGVAVPYDNYAVVSIPNPDDASKRPVGARVVDLQGKKVGDDALCPGLHGSAGSGDTFALSCETGLLLITQKN
AAPVIRHLPYAKTLPEGSTSTLIGGKGMQYFIGNYGPDRIILVDPTESDSFRLIQLPTRRVHFVVDPVRAKFAYVFTEDG
KLNQIDVLKGEISQSVRVTDPYSMDGHWNDPRPRIAVADNKIYVTDPLKSKIIVLDATSFKKTSEISVEGQPFNIVAVGG
SGKVHGEHHDHEAHHHDDHAH
;
_entity_poly.pdbx_strand_id   B,A
#
loop_
_chem_comp.id
_chem_comp.type
_chem_comp.name
_chem_comp.formula
EDO non-polymer 1,2-ETHANEDIOL 'C2 H6 O2'
MES non-polymer '2-(N-MORPHOLINO)-ETHANESULFONIC ACID' 'C6 H13 N O4 S'
PEG non-polymer DI(HYDROXYETHYL)ETHER 'C4 H10 O3'
PGE non-polymer 'TRIETHYLENE GLYCOL' 'C6 H14 O4'
ZN non-polymer 'ZINC ION' 'Zn 2'
#
# COMPACT_ATOMS: atom_id res chain seq x y z
N VAL A 33 4.02 -14.79 -38.19
CA VAL A 33 4.60 -13.48 -37.96
C VAL A 33 4.16 -12.93 -36.62
N THR A 34 5.12 -12.39 -35.87
CA THR A 34 4.89 -11.87 -34.54
C THR A 34 5.17 -10.38 -34.49
N ALA A 35 4.31 -9.64 -33.80
CA ALA A 35 4.55 -8.22 -33.56
C ALA A 35 3.91 -7.82 -32.23
N TRP A 36 4.68 -7.10 -31.42
CA TRP A 36 4.17 -6.58 -30.15
C TRP A 36 4.66 -5.16 -29.98
N ARG A 37 3.83 -4.34 -29.33
CA ARG A 37 4.09 -2.92 -29.17
C ARG A 37 3.73 -2.46 -27.76
N LEU A 38 4.51 -1.51 -27.26
CA LEU A 38 4.27 -0.88 -25.98
C LEU A 38 3.90 0.57 -26.19
N PHE A 39 2.92 1.03 -25.42
CA PHE A 39 2.48 2.42 -25.38
C PHE A 39 2.72 2.93 -23.97
N ILE A 40 3.49 4.01 -23.86
CA ILE A 40 4.01 4.47 -22.57
C ILE A 40 3.71 5.96 -22.40
N ALA A 41 2.96 6.30 -21.37
CA ALA A 41 2.61 7.67 -21.06
C ALA A 41 3.59 8.28 -20.06
N ASP A 42 4.02 9.51 -20.33
CA ASP A 42 4.83 10.24 -19.37
C ASP A 42 4.00 10.62 -18.15
N HIS A 43 4.66 10.65 -16.99
CA HIS A 43 3.97 10.99 -15.76
C HIS A 43 3.47 12.43 -15.76
N ASP A 44 4.22 13.34 -16.35
CA ASP A 44 3.97 14.77 -16.24
C ASP A 44 3.64 15.42 -17.58
N LYS A 45 4.28 14.98 -18.66
CA LYS A 45 4.09 15.62 -19.95
C LYS A 45 2.98 14.92 -20.74
N PRO A 46 2.32 15.63 -21.63
CA PRO A 46 1.25 15.04 -22.46
C PRO A 46 1.81 14.30 -23.67
N VAL A 47 2.54 13.23 -23.41
N VAL A 47 2.50 13.20 -23.38
CA VAL A 47 3.18 12.47 -24.47
CA VAL A 47 3.28 12.43 -24.33
C VAL A 47 3.00 10.99 -24.23
C VAL A 47 2.92 10.96 -24.18
N VAL A 48 2.74 10.27 -25.31
CA VAL A 48 2.62 8.81 -25.31
C VAL A 48 3.65 8.29 -26.31
N ASN A 49 4.63 7.55 -25.82
CA ASN A 49 5.64 6.96 -26.70
C ASN A 49 5.27 5.52 -27.06
N VAL A 50 5.69 5.11 -28.25
CA VAL A 50 5.42 3.77 -28.76
C VAL A 50 6.75 3.08 -29.04
N ILE A 51 6.91 1.88 -28.50
CA ILE A 51 8.15 1.13 -28.60
C ILE A 51 7.84 -0.25 -29.15
N ASP A 52 8.66 -0.72 -30.09
CA ASP A 52 8.61 -2.10 -30.56
C ASP A 52 9.09 -3.02 -29.45
N ALA A 53 8.21 -3.90 -28.97
CA ALA A 53 8.53 -4.66 -27.77
C ALA A 53 9.62 -5.69 -27.99
N LEU A 54 9.87 -6.09 -29.24
CA LEU A 54 10.77 -7.21 -29.50
C LEU A 54 12.22 -6.78 -29.56
N ASP A 55 12.52 -5.58 -30.07
CA ASP A 55 13.89 -5.07 -30.08
C ASP A 55 14.05 -3.78 -29.29
N GLY A 56 12.97 -3.25 -28.71
CA GLY A 56 13.07 -2.05 -27.90
C GLY A 56 13.10 -0.75 -28.66
N ASP A 57 12.99 -0.78 -29.98
CA ASP A 57 13.14 0.41 -30.79
C ASP A 57 11.94 1.34 -30.65
N LYS A 58 12.21 2.64 -30.65
CA LYS A 58 11.15 3.64 -30.61
C LYS A 58 10.49 3.73 -31.98
N LEU A 59 9.16 3.62 -32.00
CA LEU A 59 8.38 3.63 -33.24
C LEU A 59 7.67 4.94 -33.50
N ALA A 60 7.17 5.60 -32.45
CA ALA A 60 6.38 6.81 -32.64
C ALA A 60 6.31 7.55 -31.32
N THR A 61 5.98 8.84 -31.42
CA THR A 61 5.66 9.66 -30.25
C THR A 61 4.42 10.45 -30.58
N PHE A 62 3.41 10.36 -29.72
CA PHE A 62 2.16 11.07 -29.89
C PHE A 62 2.05 12.16 -28.83
N ASN A 63 1.72 13.37 -29.27
CA ASN A 63 1.52 14.49 -28.36
C ASN A 63 0.03 14.71 -28.17
N VAL A 64 -0.42 14.56 -26.92
CA VAL A 64 -1.83 14.73 -26.58
C VAL A 64 -1.99 16.02 -25.78
N LYS A 65 -3.09 16.16 -25.05
CA LYS A 65 -3.42 17.42 -24.40
C LYS A 65 -2.99 17.49 -22.95
N GLY A 66 -3.12 16.39 -22.21
CA GLY A 66 -2.66 16.34 -20.85
C GLY A 66 -2.06 14.98 -20.53
N PRO A 67 -1.45 14.85 -19.35
CA PRO A 67 -0.91 13.54 -18.96
C PRO A 67 -2.01 12.48 -19.00
N ALA A 68 -1.66 11.31 -19.51
CA ALA A 68 -2.66 10.30 -19.84
C ALA A 68 -2.50 9.05 -18.97
N ASN A 69 -3.65 8.49 -18.60
CA ASN A 69 -3.76 7.07 -18.26
C ASN A 69 -4.05 6.32 -19.56
N LEU A 70 -3.59 5.08 -19.64
CA LEU A 70 -3.74 4.31 -20.88
C LEU A 70 -4.59 3.06 -20.66
N SER A 71 -5.48 2.82 -21.62
CA SER A 71 -6.23 1.58 -21.73
C SER A 71 -6.12 1.04 -23.14
N ARG A 72 -6.18 -0.27 -23.27
CA ARG A 72 -6.24 -0.91 -24.57
C ARG A 72 -7.59 -1.62 -24.72
N SER A 73 -8.02 -1.79 -25.96
CA SER A 73 -9.17 -2.63 -26.22
C SER A 73 -8.79 -4.09 -26.05
N GLU A 74 -9.81 -4.94 -25.90
CA GLU A 74 -9.57 -6.38 -25.83
C GLU A 74 -8.90 -6.88 -27.11
N SER A 75 -9.32 -6.34 -28.25
CA SER A 75 -8.72 -6.72 -29.53
C SER A 75 -7.28 -6.21 -29.66
N GLY A 76 -6.90 -5.18 -28.91
CA GLY A 76 -5.59 -4.59 -29.03
C GLY A 76 -5.42 -3.65 -30.19
N ALA A 77 -6.47 -3.43 -30.99
CA ALA A 77 -6.35 -2.59 -32.18
C ALA A 77 -6.33 -1.10 -31.85
N THR A 78 -6.89 -0.71 -30.70
CA THR A 78 -6.96 0.69 -30.33
C THR A 78 -6.44 0.88 -28.92
N ILE A 79 -5.75 2.01 -28.72
CA ILE A 79 -5.26 2.46 -27.43
C ILE A 79 -6.00 3.73 -27.08
N PHE A 80 -6.43 3.87 -25.83
CA PHE A 80 -7.18 5.04 -25.39
C PHE A 80 -6.37 5.80 -24.34
N ALA A 81 -6.18 7.10 -24.57
CA ALA A 81 -5.38 7.94 -23.70
C ALA A 81 -6.34 8.85 -22.94
N ILE A 82 -6.61 8.48 -21.69
CA ILE A 82 -7.59 9.18 -20.85
C ILE A 82 -6.86 10.30 -20.13
N GLN A 83 -7.30 11.54 -20.38
CA GLN A 83 -6.62 12.74 -19.89
C GLN A 83 -7.57 13.47 -18.97
N GLY A 84 -7.58 13.07 -17.70
CA GLY A 84 -8.54 13.59 -16.74
C GLY A 84 -8.53 15.09 -16.67
N SER A 85 -7.37 15.69 -16.38
CA SER A 85 -7.28 17.13 -16.22
C SER A 85 -7.59 17.87 -17.52
N ALA A 86 -7.40 17.23 -18.67
CA ALA A 86 -7.61 17.89 -19.96
C ALA A 86 -9.02 17.71 -20.52
N GLY A 87 -9.88 16.92 -19.88
CA GLY A 87 -11.24 16.77 -20.35
C GLY A 87 -11.40 16.06 -21.68
N VAL A 88 -10.49 15.13 -22.00
CA VAL A 88 -10.52 14.48 -23.29
C VAL A 88 -9.96 13.06 -23.17
N VAL A 89 -10.47 12.17 -24.02
CA VAL A 89 -9.88 10.86 -24.25
C VAL A 89 -9.49 10.81 -25.72
N SER A 90 -8.21 10.60 -25.99
CA SER A 90 -7.74 10.44 -27.35
C SER A 90 -7.69 8.96 -27.70
N THR A 91 -7.70 8.68 -29.00
CA THR A 91 -7.74 7.32 -29.49
C THR A 91 -6.63 7.12 -30.50
N ILE A 92 -5.92 6.00 -30.37
CA ILE A 92 -4.77 5.68 -31.18
C ILE A 92 -5.01 4.31 -31.80
N ALA A 93 -4.82 4.21 -33.12
CA ALA A 93 -4.79 2.91 -33.76
C ALA A 93 -3.43 2.28 -33.49
N SER A 94 -3.45 1.16 -32.76
CA SER A 94 -2.18 0.57 -32.33
C SER A 94 -1.30 0.19 -33.51
N GLY A 95 -1.90 -0.17 -34.64
CA GLY A 95 -1.15 -0.65 -35.77
C GLY A 95 -0.99 -2.15 -35.82
N ILE A 96 -1.53 -2.87 -34.84
CA ILE A 96 -1.56 -4.34 -34.86
C ILE A 96 -3.01 -4.76 -34.65
N ALA A 97 -3.57 -5.42 -35.65
CA ALA A 97 -4.92 -5.97 -35.55
C ALA A 97 -4.91 -7.33 -36.24
N PHE A 98 -5.90 -8.13 -35.91
CA PHE A 98 -6.03 -9.49 -36.43
C PHE A 98 -7.38 -9.64 -37.11
N HIS A 99 -7.40 -10.31 -38.26
CA HIS A 99 -8.66 -10.77 -38.84
C HIS A 99 -8.49 -12.22 -39.27
N ASP A 100 -9.63 -12.91 -39.39
CA ASP A 100 -9.65 -14.36 -39.39
C ASP A 100 -9.85 -14.92 -40.80
N HIS A 101 -9.89 -16.25 -40.86
CA HIS A 101 -10.40 -17.01 -41.99
C HIS A 101 -11.43 -17.99 -41.45
N GLY A 102 -11.25 -18.39 -40.19
CA GLY A 102 -12.23 -19.15 -39.45
C GLY A 102 -11.91 -20.63 -39.26
N ASP A 103 -11.12 -20.99 -38.26
CA ASP A 103 -10.55 -20.03 -37.31
C ASP A 103 -9.42 -19.23 -37.97
N HIS A 104 -8.21 -19.80 -38.12
N HIS A 104 -8.25 -19.88 -37.95
CA HIS A 104 -7.13 -19.22 -38.92
CA HIS A 104 -6.99 -19.30 -38.36
C HIS A 104 -7.07 -17.69 -38.95
C HIS A 104 -6.90 -17.86 -37.87
N ALA A 105 -5.98 -17.10 -38.44
CA ALA A 105 -5.91 -15.68 -38.16
C ALA A 105 -4.72 -15.04 -38.88
N ASP A 106 -4.97 -13.95 -39.58
CA ASP A 106 -3.92 -13.10 -40.12
C ASP A 106 -3.67 -11.94 -39.17
N ILE A 107 -2.44 -11.45 -39.17
CA ILE A 107 -2.03 -10.33 -38.33
C ILE A 107 -1.77 -9.13 -39.24
N ASP A 108 -2.53 -8.06 -39.04
CA ASP A 108 -2.45 -6.86 -39.87
C ASP A 108 -1.63 -5.82 -39.13
N ILE A 109 -0.48 -5.44 -39.70
CA ILE A 109 0.52 -4.63 -39.02
C ILE A 109 0.69 -3.32 -39.80
N ASP A 110 0.35 -2.22 -39.16
CA ASP A 110 0.50 -0.89 -39.73
C ASP A 110 1.19 0.01 -38.71
N ALA A 111 1.67 1.15 -39.18
CA ALA A 111 2.22 2.14 -38.27
C ALA A 111 1.12 2.59 -37.31
N PRO A 112 1.44 2.84 -36.05
CA PRO A 112 0.43 3.39 -35.14
C PRO A 112 0.06 4.79 -35.55
N LYS A 113 -1.16 5.20 -35.23
CA LYS A 113 -1.59 6.54 -35.62
C LYS A 113 -2.68 7.04 -34.69
N LEU A 114 -2.68 8.35 -34.47
CA LEU A 114 -3.77 9.01 -33.77
C LEU A 114 -5.02 9.01 -34.63
N LEU A 115 -6.12 8.72 -34.02
CA LEU A 115 -7.39 8.72 -34.73
C LEU A 115 -8.15 10.00 -34.45
N PRO A 116 -9.00 10.45 -35.37
CA PRO A 116 -9.70 11.72 -35.16
C PRO A 116 -10.66 11.68 -33.98
N LEU A 117 -11.30 10.54 -33.71
CA LEU A 117 -12.27 10.47 -32.63
C LEU A 117 -11.65 10.90 -31.30
N GLU A 118 -12.33 11.83 -30.64
CA GLU A 118 -12.03 12.23 -29.27
C GLU A 118 -13.31 12.19 -28.46
N LEU A 119 -13.24 11.66 -27.26
CA LEU A 119 -14.32 11.82 -26.30
C LEU A 119 -14.01 13.03 -25.43
N THR A 120 -15.02 13.86 -25.21
CA THR A 120 -14.83 15.05 -24.41
C THR A 120 -15.90 15.14 -23.34
N GLY A 121 -15.55 15.80 -22.26
CA GLY A 121 -16.35 15.88 -21.04
C GLY A 121 -15.44 16.09 -19.86
N LYS A 122 -16.03 16.57 -18.77
CA LYS A 122 -15.25 16.92 -17.59
C LYS A 122 -14.75 15.66 -16.89
N LYS A 123 -13.45 15.63 -16.60
CA LYS A 123 -12.81 14.63 -15.75
C LYS A 123 -13.09 13.20 -16.18
N PRO A 124 -12.70 12.81 -17.39
CA PRO A 124 -12.82 11.40 -17.77
C PRO A 124 -12.14 10.51 -16.74
N GLY A 125 -12.80 9.39 -16.44
CA GLY A 125 -12.30 8.47 -15.45
C GLY A 125 -12.21 7.06 -15.98
N HIS A 126 -13.04 6.17 -15.42
CA HIS A 126 -12.90 4.75 -15.69
C HIS A 126 -13.35 4.38 -17.09
N PHE A 127 -12.49 3.62 -17.77
CA PHE A 127 -12.73 3.04 -19.09
C PHE A 127 -12.99 1.55 -18.91
N VAL A 128 -14.11 1.07 -19.46
CA VAL A 128 -14.44 -0.35 -19.46
C VAL A 128 -14.81 -0.73 -20.88
N GLU A 129 -14.06 -1.67 -21.44
CA GLU A 129 -14.43 -2.26 -22.72
C GLU A 129 -14.88 -3.69 -22.49
N ARG A 130 -16.01 -4.05 -23.10
CA ARG A 130 -16.57 -5.38 -23.01
C ARG A 130 -17.06 -5.74 -24.40
N GLN A 131 -16.29 -6.56 -25.11
CA GLN A 131 -16.76 -7.16 -26.37
C GLN A 131 -16.95 -6.12 -27.46
N GLY A 132 -15.96 -5.24 -27.63
CA GLY A 132 -16.06 -4.20 -28.62
C GLY A 132 -16.99 -3.05 -28.25
N LYS A 133 -17.81 -3.20 -27.22
CA LYS A 133 -18.49 -2.06 -26.63
C LYS A 133 -17.57 -1.42 -25.61
N ILE A 134 -17.51 -0.09 -25.66
CA ILE A 134 -16.69 0.68 -24.73
C ILE A 134 -17.58 1.61 -23.94
N ALA A 135 -17.33 1.70 -22.64
CA ALA A 135 -17.98 2.67 -21.77
C ALA A 135 -16.92 3.55 -21.15
N GLN A 136 -17.01 4.86 -21.40
CA GLN A 136 -16.10 5.82 -20.82
C GLN A 136 -16.85 6.68 -19.81
N TRP A 137 -16.42 6.62 -18.56
CA TRP A 137 -16.99 7.42 -17.49
C TRP A 137 -16.39 8.82 -17.48
N PHE A 138 -17.21 9.81 -17.13
CA PHE A 138 -16.76 11.19 -16.90
C PHE A 138 -17.22 11.63 -15.53
N ASP A 139 -16.27 11.75 -14.59
CA ASP A 139 -16.59 12.13 -13.22
C ASP A 139 -17.37 13.42 -13.13
N GLY A 140 -17.21 14.32 -14.10
CA GLY A 140 -17.79 15.64 -14.01
C GLY A 140 -19.08 15.82 -14.79
N GLU A 141 -19.59 14.76 -15.40
CA GLU A 141 -20.79 14.82 -16.21
C GLU A 141 -21.87 13.94 -15.58
N ASP A 142 -23.10 14.16 -16.02
CA ASP A 142 -24.24 13.35 -15.60
C ASP A 142 -24.53 12.23 -16.59
N SER A 143 -23.60 11.95 -17.52
CA SER A 143 -23.74 10.87 -18.47
C SER A 143 -22.39 10.20 -18.68
N ALA A 144 -22.43 8.90 -18.94
CA ALA A 144 -21.29 8.16 -19.46
C ALA A 144 -21.47 7.95 -20.96
N GLN A 145 -20.37 7.68 -21.64
CA GLN A 145 -20.36 7.58 -23.10
C GLN A 145 -20.05 6.16 -23.52
N ILE A 146 -20.95 5.58 -24.30
CA ILE A 146 -20.80 4.24 -24.84
C ILE A 146 -20.57 4.31 -26.34
N LEU A 147 -19.62 3.53 -26.83
CA LEU A 147 -19.35 3.47 -28.25
C LEU A 147 -18.81 2.09 -28.59
N GLY A 148 -18.65 1.85 -29.88
CA GLY A 148 -18.07 0.62 -30.37
C GLY A 148 -16.60 0.83 -30.71
N GLU A 149 -15.80 -0.22 -30.52
CA GLU A 149 -14.42 -0.16 -30.96
C GLU A 149 -14.33 -0.02 -32.47
N SER A 150 -15.03 -0.90 -33.20
CA SER A 150 -15.04 -0.82 -34.66
C SER A 150 -15.31 0.61 -35.12
N ALA A 151 -16.36 1.23 -34.58
CA ALA A 151 -16.74 2.57 -34.99
C ALA A 151 -15.63 3.58 -34.80
N VAL A 152 -14.63 3.28 -33.96
CA VAL A 152 -13.49 4.20 -33.79
C VAL A 152 -12.52 4.07 -34.94
N LEU A 153 -12.14 2.83 -35.26
CA LEU A 153 -11.17 2.59 -36.33
C LEU A 153 -11.72 2.93 -37.69
N LYS A 154 -13.03 3.09 -37.81
CA LYS A 154 -13.66 3.48 -39.06
C LYS A 154 -14.01 4.97 -39.08
N GLY A 155 -13.49 5.73 -38.12
CA GLY A 155 -13.64 7.17 -38.10
C GLY A 155 -14.96 7.68 -37.58
N GLN A 156 -15.81 6.82 -37.04
CA GLN A 156 -17.16 7.22 -36.67
C GLN A 156 -17.19 7.74 -35.24
N LYS A 157 -17.86 8.88 -35.06
CA LYS A 157 -18.11 9.45 -33.73
C LYS A 157 -19.60 9.34 -33.43
N ASN A 158 -20.03 8.12 -33.15
CA ASN A 158 -21.41 7.83 -32.77
C ASN A 158 -21.41 7.45 -31.30
N ILE A 159 -21.60 8.45 -30.45
CA ILE A 159 -21.53 8.28 -29.01
C ILE A 159 -22.95 8.18 -28.46
N THR A 160 -23.22 7.11 -27.74
CA THR A 160 -24.46 6.99 -26.98
C THR A 160 -24.20 7.49 -25.56
N LYS A 161 -24.97 8.48 -25.13
CA LYS A 161 -24.82 9.06 -23.80
C LYS A 161 -25.85 8.45 -22.86
N VAL A 162 -25.39 7.84 -21.78
CA VAL A 162 -26.24 7.14 -20.81
C VAL A 162 -26.26 7.98 -19.54
N ASN A 163 -27.44 8.44 -19.15
CA ASN A 163 -27.56 9.26 -17.95
C ASN A 163 -27.24 8.42 -16.71
N VAL A 164 -26.43 8.98 -15.81
CA VAL A 164 -26.03 8.30 -14.59
C VAL A 164 -26.47 9.10 -13.35
N VAL A 165 -27.48 9.95 -13.50
CA VAL A 165 -28.22 10.62 -12.43
C VAL A 165 -27.48 11.86 -11.94
N ALA A 166 -26.26 11.70 -11.46
CA ALA A 166 -25.49 12.83 -10.94
C ALA A 166 -24.01 12.58 -11.17
N PRO A 167 -23.22 13.62 -11.37
CA PRO A 167 -21.76 13.41 -11.46
C PRO A 167 -21.22 12.77 -10.19
N HIS A 168 -20.38 11.76 -10.38
CA HIS A 168 -19.69 11.12 -9.27
C HIS A 168 -18.55 10.29 -9.83
N HIS A 169 -17.64 9.84 -8.96
CA HIS A 169 -16.53 8.99 -9.40
C HIS A 169 -17.04 7.57 -9.38
N GLY A 170 -17.51 7.10 -10.54
CA GLY A 170 -18.19 5.83 -10.67
C GLY A 170 -17.61 5.03 -11.82
N VAL A 171 -18.46 4.17 -12.37
CA VAL A 171 -18.04 3.25 -13.42
C VAL A 171 -19.28 2.77 -14.15
N ALA A 172 -19.12 2.50 -15.44
CA ALA A 172 -20.18 1.97 -16.28
C ALA A 172 -19.63 0.78 -17.04
N VAL A 173 -20.42 -0.28 -17.10
CA VAL A 173 -20.04 -1.51 -17.78
C VAL A 173 -21.02 -1.74 -18.92
N PRO A 174 -20.56 -1.83 -20.18
CA PRO A 174 -21.49 -1.95 -21.30
C PRO A 174 -21.93 -3.38 -21.60
N TYR A 175 -23.22 -3.56 -21.82
CA TYR A 175 -23.80 -4.82 -22.24
C TYR A 175 -24.56 -4.60 -23.53
N ASP A 176 -25.13 -5.67 -24.08
CA ASP A 176 -25.95 -5.52 -25.27
C ASP A 176 -27.27 -4.88 -24.88
N ASN A 177 -27.48 -3.64 -25.30
CA ASN A 177 -28.70 -2.86 -25.11
C ASN A 177 -28.89 -2.41 -23.68
N TYR A 178 -27.93 -2.66 -22.79
CA TYR A 178 -28.02 -2.23 -21.41
C TYR A 178 -26.64 -1.80 -20.95
N ALA A 179 -26.59 -1.16 -19.78
CA ALA A 179 -25.34 -0.94 -19.08
C ALA A 179 -25.59 -1.15 -17.60
N VAL A 180 -24.53 -1.52 -16.90
CA VAL A 180 -24.52 -1.50 -15.44
C VAL A 180 -23.73 -0.28 -15.01
N VAL A 181 -24.36 0.56 -14.17
CA VAL A 181 -23.76 1.82 -13.76
C VAL A 181 -23.78 1.92 -12.24
N SER A 182 -22.78 2.60 -11.70
CA SER A 182 -22.75 2.88 -10.28
C SER A 182 -23.82 3.90 -9.89
N ILE A 183 -24.30 3.77 -8.66
CA ILE A 183 -25.38 4.60 -8.11
C ILE A 183 -24.76 5.67 -7.23
N PRO A 184 -25.01 6.96 -7.49
CA PRO A 184 -24.42 8.00 -6.62
C PRO A 184 -25.02 7.97 -5.23
N ASN A 185 -24.22 8.39 -4.26
CA ASN A 185 -24.70 8.54 -2.90
C ASN A 185 -25.86 9.53 -2.87
N PRO A 186 -27.03 9.13 -2.36
CA PRO A 186 -28.19 10.04 -2.42
C PRO A 186 -28.02 11.30 -1.61
N ASP A 187 -27.18 11.30 -0.57
CA ASP A 187 -26.94 12.52 0.18
C ASP A 187 -26.22 13.53 -0.72
N ASP A 188 -24.91 13.37 -0.87
CA ASP A 188 -24.16 14.11 -1.88
C ASP A 188 -23.39 13.10 -2.73
N ALA A 189 -23.53 13.23 -4.05
CA ALA A 189 -22.86 12.32 -4.98
C ALA A 189 -21.34 12.44 -4.92
N SER A 190 -20.82 13.37 -4.10
CA SER A 190 -19.37 13.51 -3.94
C SER A 190 -18.75 12.35 -3.18
N LYS A 191 -19.54 11.64 -2.38
CA LYS A 191 -19.06 10.46 -1.69
C LYS A 191 -18.95 9.30 -2.67
N ARG A 192 -18.37 8.19 -2.22
CA ARG A 192 -18.29 7.03 -3.08
C ARG A 192 -19.71 6.52 -3.37
N PRO A 193 -19.92 5.89 -4.52
CA PRO A 193 -21.23 5.36 -4.85
C PRO A 193 -21.63 4.23 -3.90
N VAL A 194 -22.94 3.91 -3.93
CA VAL A 194 -23.57 3.06 -2.92
C VAL A 194 -24.02 1.72 -3.50
N GLY A 195 -23.78 1.48 -4.78
CA GLY A 195 -24.17 0.23 -5.41
C GLY A 195 -24.17 0.41 -6.92
N ALA A 196 -24.81 -0.53 -7.60
CA ALA A 196 -24.91 -0.51 -9.05
C ALA A 196 -26.32 -0.88 -9.47
N ARG A 197 -26.68 -0.52 -10.70
CA ARG A 197 -27.96 -0.92 -11.25
C ARG A 197 -27.83 -1.09 -12.75
N VAL A 198 -28.71 -1.94 -13.30
CA VAL A 198 -28.87 -2.09 -14.74
C VAL A 198 -29.75 -0.97 -15.27
N VAL A 199 -29.35 -0.38 -16.39
CA VAL A 199 -30.13 0.66 -17.04
C VAL A 199 -30.17 0.38 -18.53
N ASP A 200 -31.21 0.88 -19.19
CA ASP A 200 -31.20 0.84 -20.65
C ASP A 200 -30.29 1.96 -21.15
N LEU A 201 -30.17 2.10 -22.47
CA LEU A 201 -29.17 3.00 -23.01
C LEU A 201 -29.61 4.46 -22.96
N GLN A 202 -30.80 4.73 -22.43
CA GLN A 202 -31.19 6.07 -22.04
C GLN A 202 -30.81 6.38 -20.60
N GLY A 203 -30.54 5.34 -19.80
CA GLY A 203 -30.33 5.51 -18.37
C GLY A 203 -31.53 5.15 -17.53
N LYS A 204 -32.63 4.71 -18.14
CA LYS A 204 -33.80 4.30 -17.38
C LYS A 204 -33.49 3.03 -16.60
N LYS A 205 -33.75 3.07 -15.29
CA LYS A 205 -33.54 1.93 -14.42
C LYS A 205 -34.30 0.71 -14.92
N VAL A 206 -33.62 -0.44 -14.85
CA VAL A 206 -34.21 -1.74 -15.15
C VAL A 206 -33.96 -2.62 -13.93
N GLY A 207 -35.02 -3.26 -13.43
CA GLY A 207 -34.83 -4.13 -12.29
C GLY A 207 -34.57 -3.37 -10.99
N ASP A 208 -33.96 -4.07 -10.05
CA ASP A 208 -33.73 -3.54 -8.71
C ASP A 208 -32.27 -3.14 -8.52
N ASP A 209 -32.06 -2.16 -7.62
CA ASP A 209 -30.72 -1.73 -7.28
C ASP A 209 -29.96 -2.85 -6.58
N ALA A 210 -28.68 -2.97 -6.89
CA ALA A 210 -27.76 -3.86 -6.19
C ALA A 210 -26.90 -3.01 -5.26
N LEU A 211 -27.25 -3.01 -3.98
CA LEU A 211 -26.52 -2.18 -3.02
C LEU A 211 -25.17 -2.79 -2.71
N CYS A 212 -24.17 -1.94 -2.58
CA CYS A 212 -22.78 -2.35 -2.37
C CYS A 212 -22.04 -1.10 -1.91
N PRO A 213 -22.02 -0.82 -0.60
CA PRO A 213 -21.52 0.48 -0.15
C PRO A 213 -20.04 0.68 -0.45
N GLY A 214 -19.68 1.91 -0.79
CA GLY A 214 -18.30 2.24 -1.04
C GLY A 214 -17.77 1.59 -2.31
N LEU A 215 -18.63 1.49 -3.33
CA LEU A 215 -18.28 0.75 -4.53
C LEU A 215 -17.13 1.41 -5.28
N HIS A 216 -16.10 0.62 -5.55
CA HIS A 216 -14.99 0.98 -6.41
C HIS A 216 -14.15 -0.25 -6.67
N GLY A 217 -13.73 -0.44 -7.91
CA GLY A 217 -12.92 -1.57 -8.33
C GLY A 217 -13.75 -2.31 -9.37
N SER A 218 -13.14 -2.56 -10.51
CA SER A 218 -13.90 -3.12 -11.63
C SER A 218 -12.96 -3.92 -12.52
N ALA A 219 -13.39 -5.10 -12.93
CA ALA A 219 -12.61 -5.87 -13.89
C ALA A 219 -13.48 -6.97 -14.45
N GLY A 220 -13.15 -7.39 -15.68
CA GLY A 220 -13.82 -8.51 -16.32
C GLY A 220 -12.91 -9.71 -16.44
N SER A 221 -13.50 -10.91 -16.38
CA SER A 221 -12.75 -12.13 -16.60
C SER A 221 -13.72 -13.19 -17.12
N GLY A 222 -13.48 -13.65 -18.35
CA GLY A 222 -14.40 -14.60 -18.94
C GLY A 222 -15.81 -14.04 -18.99
N ASP A 223 -16.78 -14.86 -18.58
CA ASP A 223 -18.18 -14.50 -18.70
C ASP A 223 -18.68 -13.63 -17.55
N THR A 224 -17.80 -13.15 -16.68
CA THR A 224 -18.21 -12.45 -15.47
C THR A 224 -17.48 -11.13 -15.37
N PHE A 225 -18.19 -10.09 -14.96
CA PHE A 225 -17.59 -8.81 -14.63
C PHE A 225 -17.82 -8.54 -13.15
N ALA A 226 -16.78 -8.04 -12.47
CA ALA A 226 -16.84 -7.86 -11.03
C ALA A 226 -16.70 -6.38 -10.67
N LEU A 227 -17.49 -5.95 -9.69
CA LEU A 227 -17.35 -4.66 -9.03
C LEU A 227 -17.14 -4.92 -7.54
N SER A 228 -16.13 -4.29 -6.95
CA SER A 228 -15.83 -4.48 -5.54
C SER A 228 -16.39 -3.34 -4.70
N CYS A 229 -16.74 -3.66 -3.45
CA CYS A 229 -17.21 -2.66 -2.51
C CYS A 229 -16.87 -3.14 -1.10
N GLU A 230 -17.43 -2.48 -0.10
CA GLU A 230 -17.02 -2.74 1.27
C GLU A 230 -17.56 -4.06 1.81
N THR A 231 -18.62 -4.61 1.21
CA THR A 231 -19.21 -5.87 1.68
C THR A 231 -18.80 -7.07 0.87
N GLY A 232 -18.29 -6.88 -0.33
CA GLY A 232 -17.92 -8.00 -1.17
C GLY A 232 -17.82 -7.56 -2.62
N LEU A 233 -18.19 -8.46 -3.53
N LEU A 233 -18.18 -8.48 -3.53
CA LEU A 233 -18.13 -8.22 -4.96
CA LEU A 233 -18.15 -8.18 -4.95
C LEU A 233 -19.53 -8.34 -5.56
C LEU A 233 -19.55 -8.31 -5.53
N LEU A 234 -19.85 -7.44 -6.49
CA LEU A 234 -20.99 -7.65 -7.37
C LEU A 234 -20.45 -8.37 -8.59
N LEU A 235 -21.12 -9.46 -8.96
CA LEU A 235 -20.74 -10.24 -10.14
C LEU A 235 -21.84 -10.13 -11.18
N ILE A 236 -21.47 -9.76 -12.39
CA ILE A 236 -22.42 -9.45 -13.45
C ILE A 236 -22.25 -10.47 -14.57
N THR A 237 -23.36 -11.05 -15.01
CA THR A 237 -23.42 -11.96 -16.14
C THR A 237 -24.59 -11.54 -17.05
N GLN A 238 -24.61 -12.04 -18.28
CA GLN A 238 -25.69 -11.70 -19.22
C GLN A 238 -25.91 -12.81 -20.22
N LYS A 239 -27.19 -13.14 -20.48
CA LYS A 239 -27.58 -13.98 -21.60
C LYS A 239 -28.34 -13.15 -22.64
N ASN A 240 -29.63 -13.42 -22.85
CA ASN A 240 -30.42 -12.67 -23.83
C ASN A 240 -31.36 -11.66 -23.20
N ALA A 241 -31.27 -11.44 -21.90
CA ALA A 241 -32.07 -10.43 -21.25
C ALA A 241 -31.14 -9.33 -20.72
N ALA A 242 -31.64 -8.52 -19.81
CA ALA A 242 -30.82 -7.59 -19.07
C ALA A 242 -29.66 -8.36 -18.42
N PRO A 243 -28.51 -7.74 -18.22
CA PRO A 243 -27.48 -8.38 -17.39
C PRO A 243 -28.05 -8.64 -16.00
N VAL A 244 -27.45 -9.63 -15.32
CA VAL A 244 -27.87 -10.10 -14.00
C VAL A 244 -26.76 -9.81 -13.01
N ILE A 245 -27.11 -9.18 -11.88
CA ILE A 245 -26.15 -8.84 -10.82
C ILE A 245 -26.42 -9.74 -9.62
N ARG A 246 -25.37 -10.34 -9.09
CA ARG A 246 -25.43 -11.03 -7.81
C ARG A 246 -24.32 -10.54 -6.90
N HIS A 247 -24.52 -10.70 -5.60
CA HIS A 247 -23.57 -10.26 -4.59
C HIS A 247 -22.80 -11.46 -4.06
N LEU A 248 -21.48 -11.33 -4.01
CA LEU A 248 -20.61 -12.32 -3.40
C LEU A 248 -19.95 -11.69 -2.18
N PRO A 249 -20.47 -11.90 -0.98
CA PRO A 249 -19.86 -11.29 0.21
C PRO A 249 -18.49 -11.86 0.48
N TYR A 250 -17.61 -11.02 1.05
CA TYR A 250 -16.33 -11.50 1.53
C TYR A 250 -16.55 -12.67 2.47
N ALA A 251 -15.79 -13.74 2.28
CA ALA A 251 -15.87 -14.90 3.15
C ALA A 251 -15.64 -14.48 4.60
N LYS A 252 -16.45 -15.02 5.51
CA LYS A 252 -16.32 -14.67 6.92
C LYS A 252 -15.03 -15.15 7.53
N THR A 253 -14.33 -16.08 6.88
CA THR A 253 -13.05 -16.57 7.33
C THR A 253 -11.89 -15.64 6.98
N LEU A 254 -12.12 -14.60 6.17
CA LEU A 254 -11.03 -13.73 5.81
C LEU A 254 -10.67 -12.81 6.96
N PRO A 255 -9.45 -12.30 6.99
CA PRO A 255 -9.11 -11.25 7.95
C PRO A 255 -9.88 -9.99 7.62
N GLU A 256 -9.81 -9.01 8.54
CA GLU A 256 -10.43 -7.72 8.23
C GLU A 256 -9.70 -7.06 7.07
N GLY A 257 -10.48 -6.45 6.19
CA GLY A 257 -9.94 -5.82 5.01
C GLY A 257 -11.03 -5.68 3.98
N SER A 258 -10.67 -5.08 2.85
CA SER A 258 -11.60 -4.96 1.75
C SER A 258 -10.84 -4.72 0.46
N THR A 259 -11.55 -4.90 -0.64
CA THR A 259 -11.03 -4.77 -1.99
C THR A 259 -11.59 -3.52 -2.64
N SER A 260 -10.71 -2.73 -3.27
CA SER A 260 -11.12 -1.50 -3.92
C SER A 260 -10.49 -1.32 -5.31
N THR A 261 -9.74 -2.30 -5.79
CA THR A 261 -9.19 -2.27 -7.14
C THR A 261 -8.99 -3.70 -7.61
N LEU A 262 -9.25 -3.96 -8.90
CA LEU A 262 -9.35 -5.33 -9.41
C LEU A 262 -8.62 -5.49 -10.73
N ILE A 263 -8.14 -6.70 -10.99
CA ILE A 263 -7.76 -7.14 -12.33
C ILE A 263 -8.43 -8.48 -12.59
N GLY A 264 -8.56 -8.83 -13.86
CA GLY A 264 -9.25 -10.06 -14.26
C GLY A 264 -8.39 -10.96 -15.11
N GLY A 265 -8.47 -12.25 -14.84
CA GLY A 265 -7.71 -13.21 -15.62
C GLY A 265 -8.11 -13.19 -17.09
N LYS A 266 -7.14 -13.40 -17.96
CA LYS A 266 -7.34 -13.41 -19.40
C LYS A 266 -6.89 -14.78 -19.92
N GLY A 267 -7.84 -15.68 -20.10
CA GLY A 267 -7.56 -17.05 -20.47
C GLY A 267 -7.79 -18.05 -19.35
N MET A 268 -7.93 -17.56 -18.12
CA MET A 268 -8.41 -18.34 -16.99
C MET A 268 -9.30 -17.39 -16.21
N GLN A 269 -10.43 -17.88 -15.69
CA GLN A 269 -11.40 -17.00 -15.07
C GLN A 269 -11.05 -16.83 -13.59
N TYR A 270 -10.64 -15.63 -13.22
CA TYR A 270 -10.41 -15.28 -11.83
C TYR A 270 -10.33 -13.76 -11.72
N PHE A 271 -10.44 -13.27 -10.49
CA PHE A 271 -10.14 -11.88 -10.21
C PHE A 271 -9.06 -11.81 -9.14
N ILE A 272 -8.22 -10.78 -9.24
CA ILE A 272 -7.27 -10.45 -8.19
C ILE A 272 -7.58 -9.04 -7.73
N GLY A 273 -7.69 -8.86 -6.41
CA GLY A 273 -7.91 -7.55 -5.84
C GLY A 273 -6.89 -7.26 -4.75
N ASN A 274 -6.79 -5.99 -4.39
CA ASN A 274 -6.11 -5.68 -3.14
C ASN A 274 -6.96 -6.20 -1.98
N TYR A 275 -6.36 -6.25 -0.80
CA TYR A 275 -7.08 -6.56 0.41
C TYR A 275 -6.29 -5.93 1.56
N GLY A 276 -6.33 -4.60 1.57
CA GLY A 276 -5.30 -3.82 2.21
C GLY A 276 -4.10 -3.80 1.31
N PRO A 277 -3.14 -2.91 1.60
CA PRO A 277 -2.13 -2.58 0.60
C PRO A 277 -1.03 -3.61 0.42
N ASP A 278 -0.74 -4.47 1.41
CA ASP A 278 0.29 -5.48 1.23
C ASP A 278 -0.27 -6.89 1.16
N ARG A 279 -1.54 -7.01 0.74
CA ARG A 279 -2.14 -8.30 0.46
C ARG A 279 -2.93 -8.22 -0.82
N ILE A 280 -3.08 -9.37 -1.48
CA ILE A 280 -4.01 -9.52 -2.59
C ILE A 280 -4.92 -10.69 -2.28
N ILE A 281 -6.11 -10.66 -2.88
N ILE A 281 -6.06 -10.69 -2.96
CA ILE A 281 -7.02 -11.80 -2.81
CA ILE A 281 -7.09 -11.71 -2.83
C ILE A 281 -7.27 -12.29 -4.22
C ILE A 281 -7.36 -12.28 -4.22
N LEU A 282 -7.33 -13.60 -4.33
CA LEU A 282 -7.66 -14.28 -5.58
C LEU A 282 -9.09 -14.79 -5.45
N VAL A 283 -9.93 -14.47 -6.44
CA VAL A 283 -11.36 -14.76 -6.36
C VAL A 283 -11.74 -15.65 -7.53
N ASP A 284 -12.35 -16.80 -7.23
CA ASP A 284 -12.83 -17.73 -8.24
C ASP A 284 -14.34 -17.74 -8.13
N PRO A 285 -15.08 -17.13 -9.06
CA PRO A 285 -16.52 -17.00 -8.87
C PRO A 285 -17.27 -18.31 -9.04
N THR A 286 -16.61 -19.39 -9.46
CA THR A 286 -17.24 -20.69 -9.66
C THR A 286 -17.06 -21.65 -8.48
N GLU A 287 -16.31 -21.26 -7.46
CA GLU A 287 -16.07 -22.09 -6.29
C GLU A 287 -16.86 -21.57 -5.10
N SER A 288 -17.42 -22.47 -4.30
CA SER A 288 -18.14 -22.03 -3.10
C SER A 288 -17.18 -21.37 -2.13
N ASP A 289 -15.98 -21.90 -1.97
CA ASP A 289 -14.92 -21.22 -1.23
C ASP A 289 -14.13 -20.39 -2.23
N SER A 290 -14.59 -19.15 -2.43
CA SER A 290 -14.18 -18.34 -3.57
C SER A 290 -12.90 -17.56 -3.36
N PHE A 291 -12.42 -17.39 -2.12
CA PHE A 291 -11.39 -16.42 -1.81
C PHE A 291 -10.12 -17.08 -1.33
N ARG A 292 -8.97 -16.62 -1.85
CA ARG A 292 -7.66 -17.05 -1.39
C ARG A 292 -6.79 -15.82 -1.20
N LEU A 293 -6.10 -15.76 -0.07
CA LEU A 293 -5.31 -14.61 0.30
C LEU A 293 -3.84 -14.85 0.00
N ILE A 294 -3.14 -13.83 -0.48
CA ILE A 294 -1.69 -13.90 -0.63
C ILE A 294 -1.05 -12.71 0.04
N GLN A 295 -0.06 -12.98 0.87
CA GLN A 295 0.71 -11.96 1.57
C GLN A 295 1.85 -11.49 0.66
N LEU A 296 1.90 -10.15 0.41
CA LEU A 296 2.99 -9.56 -0.34
C LEU A 296 4.14 -9.19 0.58
N PRO A 297 5.38 -9.15 0.07
CA PRO A 297 6.52 -8.76 0.94
C PRO A 297 6.44 -7.33 1.43
N THR A 298 5.99 -6.41 0.58
CA THR A 298 5.76 -5.01 0.92
C THR A 298 4.50 -4.58 0.16
N ARG A 299 4.17 -3.30 0.26
CA ARG A 299 2.91 -2.83 -0.32
C ARG A 299 2.94 -2.88 -1.85
N ARG A 300 1.75 -3.11 -2.41
CA ARG A 300 1.56 -3.19 -3.85
C ARG A 300 1.68 -1.83 -4.50
N VAL A 301 2.45 -1.76 -5.58
CA VAL A 301 2.52 -0.60 -6.45
C VAL A 301 1.61 -0.77 -7.66
N HIS A 302 1.67 -1.94 -8.29
CA HIS A 302 0.91 -2.22 -9.50
C HIS A 302 0.73 -3.72 -9.65
N PHE A 303 -0.34 -4.13 -10.34
CA PHE A 303 -0.43 -5.52 -10.72
C PHE A 303 -1.17 -5.65 -12.05
N VAL A 304 -0.81 -6.71 -12.78
CA VAL A 304 -1.42 -7.10 -14.04
C VAL A 304 -1.47 -8.62 -14.13
N VAL A 305 -2.32 -9.14 -15.02
CA VAL A 305 -2.33 -10.57 -15.32
C VAL A 305 -1.43 -10.85 -16.52
N ASP A 306 -1.02 -12.11 -16.64
CA ASP A 306 -0.31 -12.58 -17.83
C ASP A 306 -1.33 -13.07 -18.85
N PRO A 307 -1.47 -12.42 -20.01
CA PRO A 307 -2.45 -12.89 -21.01
C PRO A 307 -1.96 -14.01 -21.91
N VAL A 308 -0.69 -14.34 -21.86
CA VAL A 308 -0.11 -15.41 -22.67
C VAL A 308 -0.04 -16.71 -21.90
N ARG A 309 0.44 -16.65 -20.66
CA ARG A 309 0.55 -17.79 -19.75
C ARG A 309 -0.44 -17.51 -18.63
N ALA A 310 -1.72 -17.90 -18.84
CA ALA A 310 -2.82 -17.36 -18.05
C ALA A 310 -2.82 -17.84 -16.61
N LYS A 311 -2.03 -18.83 -16.24
CA LYS A 311 -2.01 -19.16 -14.83
C LYS A 311 -1.15 -18.22 -14.00
N PHE A 312 -0.49 -17.23 -14.61
CA PHE A 312 0.34 -16.30 -13.87
C PHE A 312 -0.25 -14.89 -13.83
N ALA A 313 0.09 -14.18 -12.76
CA ALA A 313 -0.12 -12.74 -12.68
C ALA A 313 1.14 -12.15 -12.09
N TYR A 314 1.25 -10.82 -12.09
CA TYR A 314 2.45 -10.12 -11.64
C TYR A 314 2.07 -8.96 -10.74
N VAL A 315 2.80 -8.84 -9.62
CA VAL A 315 2.62 -7.74 -8.69
C VAL A 315 3.96 -7.07 -8.49
N PHE A 316 4.01 -5.77 -8.71
CA PHE A 316 5.19 -4.97 -8.40
C PHE A 316 4.99 -4.35 -7.04
N THR A 317 5.99 -4.50 -6.16
CA THR A 317 5.89 -4.02 -4.80
C THR A 317 6.87 -2.87 -4.55
N GLU A 318 6.58 -2.11 -3.49
CA GLU A 318 7.30 -0.87 -3.21
C GLU A 318 8.78 -1.08 -2.92
N ASP A 319 9.16 -2.30 -2.55
CA ASP A 319 10.56 -2.66 -2.34
C ASP A 319 11.35 -2.70 -3.65
N GLY A 320 10.70 -2.48 -4.78
CA GLY A 320 11.35 -2.54 -6.07
C GLY A 320 11.34 -3.90 -6.73
N LYS A 321 10.59 -4.86 -6.21
CA LYS A 321 10.60 -6.22 -6.73
C LYS A 321 9.37 -6.49 -7.59
N LEU A 322 9.60 -7.29 -8.63
CA LEU A 322 8.53 -7.92 -9.40
C LEU A 322 8.28 -9.31 -8.82
N ASN A 323 7.01 -9.61 -8.55
CA ASN A 323 6.60 -10.88 -7.98
C ASN A 323 5.68 -11.61 -8.94
N GLN A 324 6.02 -12.84 -9.27
CA GLN A 324 5.17 -13.73 -10.05
C GLN A 324 4.18 -14.40 -9.12
N ILE A 325 2.91 -14.36 -9.48
CA ILE A 325 1.85 -15.05 -8.76
C ILE A 325 1.46 -16.27 -9.60
N ASP A 326 1.58 -17.45 -9.01
CA ASP A 326 1.03 -18.67 -9.60
C ASP A 326 -0.40 -18.80 -9.07
N VAL A 327 -1.37 -18.53 -9.94
CA VAL A 327 -2.77 -18.42 -9.52
C VAL A 327 -3.34 -19.79 -9.20
N LEU A 328 -2.86 -20.83 -9.85
CA LEU A 328 -3.35 -22.17 -9.52
C LEU A 328 -2.83 -22.60 -8.16
N LYS A 329 -1.57 -22.31 -7.85
CA LYS A 329 -1.01 -22.65 -6.56
C LYS A 329 -1.45 -21.69 -5.46
N GLY A 330 -1.85 -20.48 -5.81
CA GLY A 330 -2.17 -19.47 -4.82
C GLY A 330 -0.97 -18.95 -4.06
N GLU A 331 0.17 -18.80 -4.73
CA GLU A 331 1.39 -18.40 -4.05
C GLU A 331 2.24 -17.54 -4.96
N ILE A 332 3.12 -16.77 -4.34
CA ILE A 332 4.20 -16.10 -5.07
C ILE A 332 5.22 -17.17 -5.45
N SER A 333 5.48 -17.30 -6.75
CA SER A 333 6.36 -18.37 -7.23
C SER A 333 7.79 -17.92 -7.48
N GLN A 334 8.03 -16.62 -7.70
CA GLN A 334 9.38 -16.07 -7.76
C GLN A 334 9.31 -14.56 -7.68
N SER A 335 10.46 -13.97 -7.35
CA SER A 335 10.58 -12.53 -7.17
C SER A 335 11.95 -12.10 -7.64
N VAL A 336 12.06 -10.89 -8.18
CA VAL A 336 13.37 -10.35 -8.52
C VAL A 336 13.33 -8.85 -8.30
N ARG A 337 14.43 -8.32 -7.77
CA ARG A 337 14.58 -6.87 -7.66
C ARG A 337 14.78 -6.26 -9.05
N VAL A 338 13.99 -5.25 -9.36
CA VAL A 338 14.00 -4.60 -10.66
C VAL A 338 14.39 -3.13 -10.57
N THR A 339 13.84 -2.41 -9.59
CA THR A 339 14.15 -0.99 -9.41
C THR A 339 14.63 -0.74 -7.99
N ASP A 340 15.10 0.50 -7.77
CA ASP A 340 15.19 1.01 -6.42
C ASP A 340 13.80 1.03 -5.78
N PRO A 341 13.75 1.11 -4.45
CA PRO A 341 12.44 1.20 -3.79
C PRO A 341 11.67 2.44 -4.19
N TYR A 342 10.35 2.27 -4.23
CA TYR A 342 9.38 3.34 -4.50
C TYR A 342 8.32 3.23 -3.41
N SER A 343 8.57 3.80 -2.23
CA SER A 343 7.61 3.70 -1.15
C SER A 343 6.23 4.18 -1.59
N MET A 344 5.20 3.52 -1.07
CA MET A 344 3.83 3.95 -1.28
C MET A 344 3.41 5.07 -0.34
N ASP A 345 4.30 5.52 0.54
CA ASP A 345 4.05 6.74 1.28
C ASP A 345 4.59 7.94 0.49
N GLY A 346 4.13 9.12 0.87
CA GLY A 346 4.48 10.34 0.16
C GLY A 346 3.23 10.95 -0.43
N HIS A 347 3.22 11.16 -1.74
CA HIS A 347 2.02 11.57 -2.47
C HIS A 347 1.47 10.40 -3.26
N TRP A 348 0.14 10.38 -3.43
CA TRP A 348 -0.47 9.33 -4.22
C TRP A 348 0.05 9.36 -5.65
N ASN A 349 0.36 10.56 -6.15
CA ASN A 349 0.77 10.76 -7.53
C ASN A 349 2.27 11.07 -7.64
N ASP A 350 3.07 10.62 -6.68
CA ASP A 350 4.50 10.48 -6.95
C ASP A 350 4.68 9.46 -8.07
N PRO A 351 5.64 9.66 -8.97
CA PRO A 351 5.85 8.68 -10.06
C PRO A 351 6.34 7.35 -9.52
N ARG A 352 5.74 6.26 -9.98
CA ARG A 352 6.11 4.92 -9.55
C ARG A 352 5.98 3.94 -10.71
N PRO A 353 6.60 2.78 -10.62
CA PRO A 353 6.58 1.83 -11.74
C PRO A 353 5.20 1.29 -12.06
N ARG A 354 5.04 0.94 -13.34
CA ARG A 354 3.91 0.17 -13.86
C ARG A 354 4.46 -0.98 -14.71
N ILE A 355 3.70 -2.08 -14.76
N ILE A 355 3.63 -2.01 -14.86
CA ILE A 355 4.07 -3.33 -15.44
CA ILE A 355 4.01 -3.29 -15.43
C ILE A 355 3.23 -3.50 -16.67
C ILE A 355 3.19 -3.54 -16.69
N ALA A 356 3.81 -4.16 -17.68
CA ALA A 356 3.07 -4.69 -18.82
C ALA A 356 3.76 -5.96 -19.31
N VAL A 357 2.97 -6.86 -19.90
CA VAL A 357 3.45 -8.14 -20.42
C VAL A 357 3.29 -8.13 -21.92
N ALA A 358 4.35 -8.50 -22.64
CA ALA A 358 4.30 -8.62 -24.10
C ALA A 358 5.08 -9.84 -24.52
N ASP A 359 4.41 -10.77 -25.20
CA ASP A 359 5.05 -11.98 -25.72
C ASP A 359 5.66 -12.70 -24.53
N ASN A 360 6.97 -12.96 -24.51
CA ASN A 360 7.60 -13.67 -23.43
C ASN A 360 8.48 -12.75 -22.58
N LYS A 361 8.10 -11.46 -22.52
CA LYS A 361 8.83 -10.48 -21.73
C LYS A 361 7.88 -9.68 -20.87
N ILE A 362 8.42 -9.17 -19.76
CA ILE A 362 7.74 -8.26 -18.86
C ILE A 362 8.49 -6.94 -18.85
N TYR A 363 7.73 -5.85 -18.88
CA TYR A 363 8.27 -4.50 -18.98
C TYR A 363 7.86 -3.72 -17.74
N VAL A 364 8.83 -3.08 -17.11
CA VAL A 364 8.61 -2.32 -15.88
C VAL A 364 9.13 -0.91 -16.12
N THR A 365 8.26 0.08 -15.99
CA THR A 365 8.73 1.46 -16.08
C THR A 365 9.45 1.86 -14.79
N ASP A 366 10.50 2.66 -14.95
CA ASP A 366 11.30 3.19 -13.83
C ASP A 366 11.34 4.69 -14.03
N PRO A 367 10.25 5.38 -13.68
CA PRO A 367 10.11 6.78 -14.15
C PRO A 367 11.23 7.70 -13.68
N LEU A 368 11.68 7.54 -12.44
CA LEU A 368 12.73 8.43 -11.92
C LEU A 368 14.08 8.19 -12.55
N LYS A 369 14.26 7.09 -13.30
CA LYS A 369 15.49 6.86 -14.04
C LYS A 369 15.29 6.93 -15.54
N SER A 370 14.15 7.44 -16.00
CA SER A 370 13.89 7.67 -17.42
C SER A 370 14.17 6.41 -18.24
N LYS A 371 13.66 5.27 -17.76
CA LYS A 371 13.92 4.04 -18.48
C LYS A 371 12.86 3.00 -18.18
N ILE A 372 12.86 1.94 -19.01
CA ILE A 372 12.02 0.76 -18.89
C ILE A 372 12.92 -0.45 -18.78
N ILE A 373 12.64 -1.32 -17.82
CA ILE A 373 13.40 -2.54 -17.63
C ILE A 373 12.65 -3.66 -18.32
N VAL A 374 13.39 -4.52 -19.00
CA VAL A 374 12.84 -5.67 -19.71
C VAL A 374 13.35 -6.93 -19.05
N LEU A 375 12.43 -7.84 -18.75
CA LEU A 375 12.77 -9.11 -18.13
C LEU A 375 12.20 -10.25 -18.96
N ASP A 376 12.91 -11.37 -18.95
CA ASP A 376 12.38 -12.58 -19.53
C ASP A 376 11.32 -13.14 -18.59
N ALA A 377 10.12 -13.37 -19.13
CA ALA A 377 8.98 -13.71 -18.31
C ALA A 377 9.10 -15.09 -17.67
N THR A 378 9.97 -15.95 -18.19
CA THR A 378 10.16 -17.28 -17.63
C THR A 378 11.25 -17.31 -16.56
N SER A 379 12.42 -16.77 -16.89
CA SER A 379 13.58 -16.80 -16.01
C SER A 379 13.66 -15.63 -15.05
N PHE A 380 12.89 -14.56 -15.31
CA PHE A 380 12.91 -13.35 -14.49
C PHE A 380 14.30 -12.70 -14.49
N LYS A 381 15.08 -12.96 -15.54
CA LYS A 381 16.37 -12.32 -15.71
C LYS A 381 16.19 -11.07 -16.55
N LYS A 382 16.80 -9.97 -16.12
CA LYS A 382 16.77 -8.74 -16.89
C LYS A 382 17.56 -8.92 -18.18
N THR A 383 16.97 -8.50 -19.29
CA THR A 383 17.62 -8.59 -20.59
C THR A 383 17.96 -7.23 -21.20
N SER A 384 17.40 -6.13 -20.68
CA SER A 384 17.54 -4.85 -21.36
C SER A 384 17.03 -3.73 -20.46
N GLU A 385 17.61 -2.55 -20.63
CA GLU A 385 17.09 -1.29 -20.10
C GLU A 385 16.93 -0.33 -21.26
N ILE A 386 15.71 0.14 -21.50
CA ILE A 386 15.38 1.01 -22.63
C ILE A 386 15.18 2.40 -22.07
N SER A 387 16.08 3.32 -22.39
CA SER A 387 15.91 4.69 -21.93
C SER A 387 14.86 5.38 -22.80
N VAL A 388 13.98 6.15 -22.18
CA VAL A 388 12.80 6.89 -22.63
C VAL A 388 12.83 8.24 -21.94
N GLU A 389 12.86 9.29 -22.75
CA GLU A 389 13.02 10.63 -22.20
C GLU A 389 11.83 10.96 -21.29
N GLY A 390 12.12 11.63 -20.19
CA GLY A 390 11.10 12.01 -19.24
C GLY A 390 10.93 11.01 -18.13
N GLN A 391 9.68 10.82 -17.70
CA GLN A 391 9.30 9.97 -16.59
C GLN A 391 8.31 8.94 -17.13
N PRO A 392 8.79 7.90 -17.80
CA PRO A 392 7.86 6.89 -18.33
C PRO A 392 7.10 6.24 -17.19
N PHE A 393 5.78 6.16 -17.35
CA PHE A 393 4.92 5.86 -16.21
C PHE A 393 3.91 4.77 -16.60
N ASN A 394 2.72 5.16 -17.06
CA ASN A 394 1.73 4.17 -17.44
C ASN A 394 2.13 3.45 -18.71
N ILE A 395 1.77 2.18 -18.82
CA ILE A 395 2.21 1.36 -19.94
C ILE A 395 1.17 0.28 -20.23
N VAL A 396 0.89 0.06 -21.51
CA VAL A 396 0.10 -1.08 -21.95
C VAL A 396 0.77 -1.69 -23.16
N ALA A 397 0.51 -2.98 -23.36
CA ALA A 397 1.10 -3.75 -24.45
C ALA A 397 0.00 -4.42 -25.27
N VAL A 398 0.22 -4.47 -26.59
CA VAL A 398 -0.64 -5.16 -27.52
C VAL A 398 0.22 -5.99 -28.46
N GLY A 399 -0.38 -6.99 -29.08
CA GLY A 399 0.30 -7.74 -30.10
C GLY A 399 -0.11 -9.20 -30.08
N GLY A 400 0.64 -9.99 -30.84
CA GLY A 400 0.36 -11.41 -30.97
C GLY A 400 1.05 -11.97 -32.19
N SER A 401 0.51 -13.08 -32.69
CA SER A 401 1.08 -13.77 -33.83
C SER A 401 -0.01 -14.19 -34.79
N GLY A 402 0.26 -14.09 -36.08
CA GLY A 402 -0.62 -14.61 -37.10
C GLY A 402 0.13 -14.77 -38.40
N LYS A 403 -0.59 -15.24 -39.41
CA LYS A 403 -0.04 -15.44 -40.73
C LYS A 403 -0.15 -14.14 -41.54
N VAL A 404 0.69 -14.03 -42.58
CA VAL A 404 0.66 -12.84 -43.43
C VAL A 404 0.47 -13.29 -44.87
N HIS A 405 1.57 -13.67 -45.53
CA HIS A 405 1.57 -13.99 -46.97
C HIS A 405 0.67 -13.05 -47.77
N GLU B 31 -10.46 18.06 -6.22
CA GLU B 31 -9.14 18.61 -5.98
C GLU B 31 -8.18 17.57 -5.40
N ASP B 32 -6.93 17.97 -5.22
CA ASP B 32 -5.86 17.10 -4.74
C ASP B 32 -5.35 17.66 -3.43
N VAL B 33 -5.45 16.88 -2.35
CA VAL B 33 -5.23 17.38 -1.01
C VAL B 33 -4.12 16.59 -0.35
N THR B 34 -3.16 17.32 0.22
CA THR B 34 -2.07 16.77 1.02
C THR B 34 -2.35 17.09 2.47
N ALA B 35 -2.24 16.09 3.34
CA ALA B 35 -2.51 16.35 4.75
C ALA B 35 -1.65 15.42 5.60
N TRP B 36 -0.93 16.02 6.55
CA TRP B 36 -0.13 15.27 7.51
C TRP B 36 -0.31 15.89 8.89
N ARG B 37 -0.31 15.05 9.92
CA ARG B 37 -0.55 15.48 11.28
C ARG B 37 0.46 14.86 12.22
N LEU B 38 0.92 15.67 13.18
CA LEU B 38 1.77 15.23 14.27
C LEU B 38 0.93 14.98 15.51
N PHE B 39 1.28 13.93 16.24
CA PHE B 39 0.69 13.65 17.55
C PHE B 39 1.83 13.62 18.55
N ILE B 40 1.74 14.49 19.55
CA ILE B 40 2.88 14.78 20.43
C ILE B 40 2.43 14.64 21.87
N ALA B 41 3.11 13.78 22.61
CA ALA B 41 2.81 13.56 24.01
C ALA B 41 3.75 14.35 24.89
N ASP B 42 3.19 14.99 25.91
CA ASP B 42 3.98 15.70 26.91
C ASP B 42 4.63 14.71 27.85
N HIS B 43 5.85 15.03 28.29
CA HIS B 43 6.59 14.08 29.11
C HIS B 43 5.96 13.92 30.48
N ASP B 44 5.43 15.00 31.03
CA ASP B 44 4.91 15.03 32.40
C ASP B 44 3.40 15.11 32.47
N LYS B 45 2.79 15.91 31.63
CA LYS B 45 1.37 16.10 31.76
C LYS B 45 0.60 15.09 30.91
N PRO B 46 -0.57 14.65 31.36
CA PRO B 46 -1.38 13.70 30.58
C PRO B 46 -2.11 14.38 29.43
N VAL B 47 -1.35 14.80 28.42
CA VAL B 47 -1.90 15.54 27.29
C VAL B 47 -1.26 15.01 26.01
N VAL B 48 -2.06 14.95 24.95
CA VAL B 48 -1.58 14.68 23.60
C VAL B 48 -2.02 15.83 22.71
N ASN B 49 -1.06 16.50 22.10
CA ASN B 49 -1.33 17.60 21.17
C ASN B 49 -1.30 17.09 19.73
N VAL B 50 -2.18 17.65 18.90
CA VAL B 50 -2.25 17.33 17.48
C VAL B 50 -1.93 18.60 16.73
N ILE B 51 -0.99 18.51 15.80
CA ILE B 51 -0.49 19.68 15.07
C ILE B 51 -0.50 19.34 13.59
N ASP B 52 -0.90 20.32 12.78
CA ASP B 52 -0.77 20.18 11.34
C ASP B 52 0.71 20.21 10.98
N ALA B 53 1.20 19.11 10.40
CA ALA B 53 2.63 18.99 10.17
C ALA B 53 3.11 19.99 9.11
N LEU B 54 2.23 20.41 8.20
CA LEU B 54 2.68 21.19 7.06
C LEU B 54 2.86 22.68 7.41
N ASP B 55 2.14 23.19 8.40
CA ASP B 55 2.32 24.59 8.80
C ASP B 55 2.37 24.80 10.30
N GLY B 56 2.23 23.75 11.12
CA GLY B 56 2.47 23.87 12.53
C GLY B 56 1.31 24.39 13.37
N ASP B 57 0.11 24.53 12.82
CA ASP B 57 -0.94 25.09 13.66
C ASP B 57 -1.62 23.98 14.47
N LYS B 58 -2.17 24.39 15.61
CA LYS B 58 -2.70 23.46 16.59
C LYS B 58 -4.09 23.02 16.17
N LEU B 59 -4.28 21.72 16.04
CA LEU B 59 -5.59 21.17 15.68
C LEU B 59 -6.39 20.72 16.88
N ALA B 60 -5.73 20.19 17.91
CA ALA B 60 -6.46 19.65 19.05
C ALA B 60 -5.50 19.41 20.21
N THR B 61 -6.06 19.47 21.41
CA THR B 61 -5.39 19.02 22.63
C THR B 61 -6.32 18.02 23.29
N PHE B 62 -5.79 16.83 23.58
CA PHE B 62 -6.56 15.79 24.24
C PHE B 62 -6.00 15.56 25.63
N ASN B 63 -6.88 15.57 26.62
CA ASN B 63 -6.51 15.24 27.97
C ASN B 63 -6.79 13.77 28.21
N VAL B 64 -5.76 13.05 28.66
CA VAL B 64 -5.90 11.63 28.99
C VAL B 64 -5.57 11.49 30.46
N LYS B 65 -5.29 10.27 30.92
CA LYS B 65 -5.16 10.03 32.35
C LYS B 65 -3.73 10.14 32.84
N GLY B 66 -2.75 9.70 32.05
CA GLY B 66 -1.36 9.80 32.41
C GLY B 66 -0.50 10.16 31.22
N PRO B 67 0.77 10.49 31.46
CA PRO B 67 1.68 10.72 30.33
C PRO B 67 1.75 9.50 29.44
N ALA B 68 1.81 9.73 28.13
CA ALA B 68 1.61 8.67 27.15
C ALA B 68 2.85 8.42 26.30
N ASN B 69 2.99 7.16 25.88
CA ASN B 69 3.77 6.78 24.72
C ASN B 69 2.81 6.62 23.54
N LEU B 70 3.28 6.89 22.34
CA LEU B 70 2.38 6.97 21.19
C LEU B 70 2.77 5.96 20.12
N SER B 71 1.74 5.35 19.52
CA SER B 71 1.91 4.47 18.38
C SER B 71 0.82 4.78 17.34
N ARG B 72 1.19 4.67 16.08
CA ARG B 72 0.22 4.80 14.99
C ARG B 72 -0.06 3.44 14.38
N SER B 73 -1.25 3.33 13.79
CA SER B 73 -1.58 2.16 12.99
C SER B 73 -0.93 2.26 11.62
N GLU B 74 -0.82 1.12 10.96
CA GLU B 74 -0.30 1.11 9.59
C GLU B 74 -1.15 1.98 8.67
N SER B 75 -2.48 1.88 8.78
CA SER B 75 -3.35 2.70 7.95
C SER B 75 -3.20 4.18 8.25
N GLY B 76 -2.70 4.51 9.44
CA GLY B 76 -2.65 5.87 9.93
C GLY B 76 -3.96 6.43 10.43
N ALA B 77 -5.04 5.64 10.46
CA ALA B 77 -6.32 6.17 10.86
C ALA B 77 -6.46 6.26 12.37
N THR B 78 -5.65 5.53 13.13
CA THR B 78 -5.74 5.56 14.59
C THR B 78 -4.37 5.76 15.21
N ILE B 79 -4.37 6.51 16.32
CA ILE B 79 -3.23 6.77 17.19
C ILE B 79 -3.58 6.17 18.55
N PHE B 80 -2.68 5.40 19.12
CA PHE B 80 -2.88 4.85 20.45
C PHE B 80 -1.92 5.49 21.43
N ALA B 81 -2.45 5.84 22.60
CA ALA B 81 -1.72 6.56 23.63
C ALA B 81 -1.63 5.64 24.85
N ILE B 82 -0.49 5.00 25.02
CA ILE B 82 -0.26 4.01 26.06
C ILE B 82 0.20 4.75 27.31
N GLN B 83 -0.54 4.60 28.40
CA GLN B 83 -0.29 5.31 29.66
C GLN B 83 0.05 4.30 30.75
N GLY B 84 1.32 3.91 30.81
CA GLY B 84 1.71 2.81 31.68
C GLY B 84 1.36 3.04 33.13
N SER B 85 1.59 4.25 33.63
CA SER B 85 1.35 4.53 35.04
C SER B 85 -0.12 4.71 35.36
N ALA B 86 -0.96 4.98 34.35
CA ALA B 86 -2.37 5.21 34.57
C ALA B 86 -3.23 3.97 34.33
N GLY B 87 -2.64 2.88 33.81
CA GLY B 87 -3.38 1.65 33.60
C GLY B 87 -4.35 1.68 32.45
N VAL B 88 -4.08 2.47 31.41
CA VAL B 88 -5.06 2.65 30.34
C VAL B 88 -4.33 2.91 29.04
N VAL B 89 -4.97 2.53 27.95
CA VAL B 89 -4.56 2.93 26.60
C VAL B 89 -5.74 3.66 25.99
N SER B 90 -5.50 4.91 25.56
CA SER B 90 -6.52 5.71 24.89
C SER B 90 -6.32 5.62 23.40
N THR B 91 -7.38 5.93 22.66
CA THR B 91 -7.38 5.77 21.22
C THR B 91 -7.89 7.05 20.57
N ILE B 92 -7.18 7.51 19.55
CA ILE B 92 -7.47 8.74 18.83
C ILE B 92 -7.71 8.39 17.37
N ALA B 93 -8.80 8.93 16.81
CA ALA B 93 -8.98 8.89 15.36
C ALA B 93 -8.20 10.06 14.77
N SER B 94 -7.22 9.74 13.92
CA SER B 94 -6.32 10.77 13.43
C SER B 94 -7.06 11.79 12.56
N GLY B 95 -8.14 11.37 11.92
CA GLY B 95 -8.85 12.23 11.01
C GLY B 95 -8.32 12.21 9.60
N ILE B 96 -7.36 11.34 9.30
CA ILE B 96 -6.84 11.17 7.94
C ILE B 96 -6.92 9.69 7.60
N ALA B 97 -7.63 9.37 6.51
CA ALA B 97 -7.74 8.01 6.06
C ALA B 97 -7.76 7.99 4.53
N PHE B 98 -7.37 6.86 3.97
CA PHE B 98 -7.24 6.71 2.53
C PHE B 98 -8.03 5.54 2.00
N HIS B 99 -8.35 5.64 0.70
CA HIS B 99 -8.90 4.54 -0.08
C HIS B 99 -7.98 4.26 -1.25
N ASP B 100 -7.61 2.99 -1.41
CA ASP B 100 -6.67 2.52 -2.43
C ASP B 100 -7.46 2.21 -3.70
N HIS B 101 -7.37 3.09 -4.69
CA HIS B 101 -8.16 2.95 -5.92
C HIS B 101 -7.29 2.66 -7.14
N GLY B 102 -6.18 1.95 -6.93
CA GLY B 102 -5.36 1.48 -8.02
C GLY B 102 -4.48 2.55 -8.62
N ASP B 103 -4.97 3.26 -9.62
CA ASP B 103 -4.20 4.32 -10.24
C ASP B 103 -4.25 5.62 -9.44
N HIS B 104 -5.12 5.70 -8.45
N HIS B 104 -5.13 5.71 -8.45
CA HIS B 104 -5.23 6.90 -7.62
CA HIS B 104 -5.20 6.90 -7.61
C HIS B 104 -5.63 6.48 -6.21
C HIS B 104 -5.62 6.47 -6.21
N ALA B 105 -5.54 7.44 -5.29
CA ALA B 105 -6.01 7.25 -3.93
C ALA B 105 -6.93 8.41 -3.59
N ASP B 106 -7.93 8.12 -2.75
CA ASP B 106 -8.80 9.13 -2.18
C ASP B 106 -8.34 9.39 -0.75
N ILE B 107 -8.46 10.64 -0.32
CA ILE B 107 -8.13 11.03 1.06
C ILE B 107 -9.39 11.57 1.73
N ASP B 108 -9.70 11.01 2.91
CA ASP B 108 -10.81 11.45 3.75
C ASP B 108 -10.24 12.18 4.95
N ILE B 109 -10.64 13.45 5.12
CA ILE B 109 -10.09 14.32 6.16
C ILE B 109 -11.23 14.75 7.09
N ASP B 110 -11.04 14.50 8.37
CA ASP B 110 -11.96 14.98 9.40
C ASP B 110 -11.13 15.51 10.56
N ALA B 111 -11.80 16.18 11.49
CA ALA B 111 -11.12 16.63 12.70
C ALA B 111 -10.63 15.43 13.48
N PRO B 112 -9.46 15.51 14.12
CA PRO B 112 -9.03 14.42 15.00
C PRO B 112 -9.97 14.35 16.20
N LYS B 113 -10.13 13.16 16.76
CA LYS B 113 -11.01 13.04 17.91
C LYS B 113 -10.59 11.87 18.79
N LEU B 114 -10.92 12.01 20.08
CA LEU B 114 -10.73 10.93 21.03
C LEU B 114 -11.84 9.92 20.82
N LEU B 115 -11.47 8.68 20.61
CA LEU B 115 -12.47 7.63 20.45
C LEU B 115 -12.88 7.08 21.79
N PRO B 116 -14.04 6.43 21.87
CA PRO B 116 -14.48 5.85 23.15
C PRO B 116 -13.67 4.63 23.56
N LEU B 117 -12.97 3.98 22.64
CA LEU B 117 -12.22 2.78 22.99
C LEU B 117 -11.11 3.12 23.97
N GLU B 118 -11.15 2.46 25.13
CA GLU B 118 -10.05 2.44 26.07
C GLU B 118 -9.73 0.99 26.39
N LEU B 119 -8.44 0.69 26.51
CA LEU B 119 -7.97 -0.60 26.98
C LEU B 119 -7.41 -0.40 28.39
N THR B 120 -7.90 -1.18 29.35
CA THR B 120 -7.49 -1.01 30.73
C THR B 120 -6.84 -2.28 31.27
N GLY B 121 -5.83 -2.08 32.08
CA GLY B 121 -5.13 -3.16 32.74
C GLY B 121 -3.87 -2.60 33.37
N LYS B 122 -3.26 -3.43 34.21
CA LYS B 122 -2.11 -2.97 34.97
C LYS B 122 -0.88 -2.85 34.07
N LYS B 123 -0.28 -1.65 34.05
CA LYS B 123 0.97 -1.35 33.37
C LYS B 123 0.97 -1.71 31.89
N PRO B 124 0.12 -1.09 31.07
CA PRO B 124 0.20 -1.34 29.63
C PRO B 124 1.60 -1.07 29.13
N GLY B 125 2.09 -1.97 28.28
CA GLY B 125 3.42 -1.89 27.74
C GLY B 125 3.41 -1.88 26.23
N HIS B 126 4.02 -2.89 25.61
CA HIS B 126 4.26 -2.86 24.18
C HIS B 126 2.97 -2.98 23.38
N PHE B 127 2.87 -2.14 22.36
CA PHE B 127 1.74 -2.11 21.44
C PHE B 127 2.25 -2.56 20.08
N VAL B 128 1.54 -3.48 19.43
CA VAL B 128 1.86 -3.91 18.08
C VAL B 128 0.58 -3.92 17.26
N GLU B 129 0.60 -3.25 16.11
CA GLU B 129 -0.51 -3.31 15.17
C GLU B 129 0.04 -3.66 13.79
N ARG B 130 -0.69 -4.50 13.08
CA ARG B 130 -0.35 -4.78 11.69
C ARG B 130 -1.60 -5.23 10.95
N GLN B 131 -1.80 -4.65 9.76
CA GLN B 131 -2.93 -5.03 8.90
C GLN B 131 -4.28 -4.85 9.59
N GLY B 132 -4.34 -3.92 10.54
CA GLY B 132 -5.54 -3.67 11.29
C GLY B 132 -5.68 -4.51 12.54
N LYS B 133 -4.84 -5.54 12.69
CA LYS B 133 -4.86 -6.36 13.90
C LYS B 133 -4.03 -5.68 14.96
N ILE B 134 -4.54 -5.65 16.21
CA ILE B 134 -3.91 -4.92 17.31
C ILE B 134 -3.64 -5.88 18.44
N ALA B 135 -2.45 -5.82 19.03
CA ALA B 135 -2.15 -6.54 20.26
C ALA B 135 -1.56 -5.57 21.25
N GLN B 136 -2.23 -5.40 22.40
CA GLN B 136 -1.75 -4.54 23.47
C GLN B 136 -1.30 -5.42 24.62
N TRP B 137 -0.04 -5.27 25.02
CA TRP B 137 0.53 -5.97 26.17
C TRP B 137 0.26 -5.20 27.45
N PHE B 138 0.06 -5.95 28.54
CA PHE B 138 -0.07 -5.38 29.88
C PHE B 138 0.92 -6.09 30.79
N ASP B 139 1.93 -5.35 31.25
CA ASP B 139 3.00 -5.93 32.06
C ASP B 139 2.51 -6.50 33.37
N GLY B 140 1.38 -6.03 33.89
CA GLY B 140 0.86 -6.49 35.16
C GLY B 140 -0.32 -7.44 35.08
N GLU B 141 -0.68 -7.88 33.88
CA GLU B 141 -1.80 -8.78 33.68
C GLU B 141 -1.27 -10.11 33.15
N ASP B 142 -2.07 -11.16 33.35
CA ASP B 142 -1.70 -12.47 32.83
C ASP B 142 -2.25 -12.69 31.42
N SER B 143 -2.77 -11.64 30.78
CA SER B 143 -3.31 -11.72 29.43
C SER B 143 -2.92 -10.47 28.64
N ALA B 144 -2.80 -10.64 27.34
CA ALA B 144 -2.73 -9.53 26.39
C ALA B 144 -4.09 -9.35 25.73
N GLN B 145 -4.32 -8.17 25.16
CA GLN B 145 -5.62 -7.82 24.59
C GLN B 145 -5.47 -7.67 23.08
N ILE B 146 -6.25 -8.45 22.34
CA ILE B 146 -6.21 -8.43 20.88
C ILE B 146 -7.53 -7.87 20.38
N LEU B 147 -7.46 -7.00 19.38
CA LEU B 147 -8.64 -6.35 18.83
C LEU B 147 -8.32 -5.92 17.40
N GLY B 148 -9.25 -5.19 16.80
CA GLY B 148 -9.11 -4.79 15.41
C GLY B 148 -9.45 -3.33 15.20
N GLU B 149 -8.73 -2.71 14.26
CA GLU B 149 -8.86 -1.27 14.00
C GLU B 149 -10.21 -0.92 13.39
N SER B 150 -10.75 -1.76 12.51
CA SER B 150 -12.02 -1.44 11.88
C SER B 150 -13.12 -1.31 12.92
N ALA B 151 -13.16 -2.25 13.87
CA ALA B 151 -14.11 -2.17 14.97
C ALA B 151 -13.88 -0.92 15.81
N VAL B 152 -12.61 -0.64 16.14
CA VAL B 152 -12.30 0.52 16.98
C VAL B 152 -12.84 1.80 16.33
N LEU B 153 -12.60 1.98 15.02
CA LEU B 153 -13.02 3.20 14.36
C LEU B 153 -14.53 3.34 14.33
N LYS B 154 -15.27 2.23 14.32
CA LYS B 154 -16.73 2.28 14.41
C LYS B 154 -17.22 2.55 15.83
N GLY B 155 -16.33 2.60 16.80
CA GLY B 155 -16.74 2.73 18.18
C GLY B 155 -17.15 1.43 18.84
N GLN B 156 -16.68 0.28 18.33
CA GLN B 156 -16.91 -0.99 18.97
C GLN B 156 -15.66 -1.43 19.74
N LYS B 157 -15.87 -2.00 20.92
CA LYS B 157 -14.79 -2.60 21.70
C LYS B 157 -15.04 -4.10 21.73
N ASN B 158 -14.29 -4.84 20.92
CA ASN B 158 -14.45 -6.28 20.75
C ASN B 158 -13.09 -6.92 21.01
N ILE B 159 -12.85 -7.31 22.26
CA ILE B 159 -11.53 -7.72 22.74
C ILE B 159 -11.47 -9.24 22.86
N THR B 160 -10.31 -9.79 22.54
CA THR B 160 -9.95 -11.14 22.91
C THR B 160 -8.77 -11.08 23.88
N LYS B 161 -8.95 -11.66 25.06
CA LYS B 161 -7.85 -11.75 26.02
C LYS B 161 -7.13 -13.08 25.81
N VAL B 162 -5.83 -13.00 25.59
CA VAL B 162 -5.00 -14.17 25.31
C VAL B 162 -4.06 -14.35 26.49
N ASN B 163 -4.12 -15.52 27.13
CA ASN B 163 -3.31 -15.77 28.30
C ASN B 163 -1.84 -15.86 27.91
N VAL B 164 -0.98 -15.23 28.71
CA VAL B 164 0.46 -15.21 28.48
C VAL B 164 1.21 -15.86 29.64
N VAL B 165 0.50 -16.64 30.45
CA VAL B 165 1.03 -17.58 31.44
C VAL B 165 1.33 -16.85 32.75
N ALA B 166 2.16 -15.82 32.69
CA ALA B 166 2.49 -15.07 33.89
C ALA B 166 2.77 -13.62 33.50
N PRO B 167 2.38 -12.66 34.32
CA PRO B 167 2.72 -11.26 34.04
C PRO B 167 4.23 -11.07 33.88
N HIS B 168 4.62 -10.45 32.77
CA HIS B 168 6.01 -10.10 32.56
C HIS B 168 6.07 -8.95 31.57
N HIS B 169 7.25 -8.37 31.43
CA HIS B 169 7.49 -7.34 30.42
C HIS B 169 7.72 -8.03 29.10
N GLY B 170 6.67 -8.16 28.32
CA GLY B 170 6.73 -8.95 27.11
C GLY B 170 6.17 -8.24 25.90
N VAL B 171 5.83 -9.03 24.89
CA VAL B 171 5.29 -8.50 23.64
C VAL B 171 4.41 -9.55 23.00
N ALA B 172 3.34 -9.09 22.35
CA ALA B 172 2.43 -9.93 21.60
C ALA B 172 2.33 -9.39 20.19
N VAL B 173 2.42 -10.26 19.21
CA VAL B 173 2.36 -9.90 17.81
C VAL B 173 1.11 -10.53 17.21
N PRO B 174 0.19 -9.74 16.62
CA PRO B 174 -1.08 -10.32 16.18
C PRO B 174 -1.03 -10.87 14.75
N TYR B 175 -1.54 -12.08 14.57
CA TYR B 175 -1.62 -12.77 13.29
C TYR B 175 -3.06 -13.19 13.01
N ASP B 176 -3.29 -13.78 11.84
CA ASP B 176 -4.62 -14.25 11.48
C ASP B 176 -4.88 -15.54 12.25
N ASN B 177 -5.81 -15.48 13.20
CA ASN B 177 -6.25 -16.63 14.00
C ASN B 177 -5.18 -17.11 14.98
N TYR B 178 -4.09 -16.35 15.13
CA TYR B 178 -2.97 -16.71 15.99
C TYR B 178 -2.34 -15.43 16.54
N ALA B 179 -1.48 -15.61 17.55
CA ALA B 179 -0.57 -14.56 17.99
C ALA B 179 0.76 -15.20 18.32
N VAL B 180 1.81 -14.38 18.31
CA VAL B 180 3.11 -14.77 18.86
C VAL B 180 3.30 -13.99 20.14
N VAL B 181 3.59 -14.70 21.23
CA VAL B 181 3.74 -14.06 22.53
C VAL B 181 5.06 -14.50 23.13
N SER B 182 5.63 -13.61 23.94
CA SER B 182 6.84 -13.92 24.66
C SER B 182 6.54 -14.87 25.80
N ILE B 183 7.56 -15.63 26.18
CA ILE B 183 7.46 -16.68 27.19
C ILE B 183 8.09 -16.14 28.47
N PRO B 184 7.38 -16.12 29.61
CA PRO B 184 8.01 -15.61 30.82
C PRO B 184 9.13 -16.52 31.30
N ASN B 185 10.11 -15.93 31.94
CA ASN B 185 11.16 -16.70 32.57
C ASN B 185 10.54 -17.60 33.63
N PRO B 186 10.71 -18.92 33.55
CA PRO B 186 9.95 -19.82 34.43
C PRO B 186 10.41 -19.82 35.86
N ASP B 187 11.57 -19.23 36.18
CA ASP B 187 12.07 -19.19 37.55
C ASP B 187 11.85 -17.86 38.23
N ASP B 188 11.75 -16.78 37.46
CA ASP B 188 11.52 -15.44 38.00
C ASP B 188 10.94 -14.63 36.86
N ALA B 189 9.61 -14.45 36.87
CA ALA B 189 8.95 -13.79 35.75
C ALA B 189 9.31 -12.32 35.63
N SER B 190 9.97 -11.75 36.65
CA SER B 190 10.41 -10.36 36.58
C SER B 190 11.65 -10.19 35.72
N LYS B 191 12.33 -11.27 35.37
CA LYS B 191 13.42 -11.22 34.43
C LYS B 191 12.87 -11.08 33.02
N ARG B 192 13.78 -10.87 32.07
N ARG B 192 13.78 -10.86 32.06
CA ARG B 192 13.35 -10.77 30.68
CA ARG B 192 13.35 -10.77 30.68
C ARG B 192 12.82 -12.12 30.21
C ARG B 192 12.78 -12.12 30.24
N PRO B 193 11.88 -12.12 29.28
CA PRO B 193 11.35 -13.39 28.75
C PRO B 193 12.45 -14.18 28.06
N VAL B 194 12.16 -15.48 27.86
CA VAL B 194 13.17 -16.45 27.45
C VAL B 194 12.95 -16.93 26.02
N GLY B 195 11.94 -16.43 25.33
CA GLY B 195 11.66 -16.84 23.98
C GLY B 195 10.27 -16.39 23.59
N ALA B 196 9.76 -16.99 22.52
CA ALA B 196 8.44 -16.65 22.01
C ALA B 196 7.78 -17.92 21.50
N ARG B 197 6.45 -17.90 21.43
CA ARG B 197 5.72 -19.04 20.91
C ARG B 197 4.48 -18.59 20.17
N VAL B 198 4.04 -19.43 19.25
CA VAL B 198 2.75 -19.26 18.59
C VAL B 198 1.66 -19.77 19.52
N VAL B 199 0.58 -19.01 19.64
CA VAL B 199 -0.63 -19.49 20.31
C VAL B 199 -1.82 -19.22 19.39
N ASP B 200 -2.86 -20.05 19.51
CA ASP B 200 -4.10 -19.70 18.85
C ASP B 200 -4.82 -18.68 19.73
N LEU B 201 -6.01 -18.23 19.31
CA LEU B 201 -6.60 -17.11 20.03
C LEU B 201 -7.38 -17.55 21.26
N GLN B 202 -7.43 -18.86 21.52
CA GLN B 202 -7.80 -19.38 22.83
C GLN B 202 -6.58 -19.55 23.73
N GLY B 203 -5.40 -19.17 23.26
CA GLY B 203 -4.20 -19.22 24.08
C GLY B 203 -3.44 -20.53 24.08
N LYS B 204 -3.88 -21.53 23.33
CA LYS B 204 -3.33 -22.87 23.09
C LYS B 204 -2.00 -22.74 22.34
N LYS B 205 -0.95 -23.33 22.91
CA LYS B 205 0.34 -23.34 22.25
C LYS B 205 0.27 -24.10 20.94
N VAL B 206 0.96 -23.59 19.92
CA VAL B 206 1.02 -24.22 18.61
C VAL B 206 2.48 -24.51 18.31
N GLY B 207 2.81 -25.78 18.11
CA GLY B 207 4.15 -26.13 17.71
C GLY B 207 5.14 -26.01 18.87
N ASP B 208 6.37 -25.63 18.53
CA ASP B 208 7.47 -25.62 19.49
C ASP B 208 7.81 -24.19 19.91
N ASP B 209 8.26 -24.07 21.16
CA ASP B 209 8.79 -22.80 21.64
C ASP B 209 10.02 -22.41 20.86
N ALA B 210 10.11 -21.13 20.51
CA ALA B 210 11.32 -20.56 19.91
C ALA B 210 12.11 -19.89 21.03
N LEU B 211 13.18 -20.55 21.48
CA LEU B 211 14.00 -20.00 22.54
C LEU B 211 14.83 -18.83 22.01
N CYS B 212 14.90 -17.78 22.81
CA CYS B 212 15.64 -16.56 22.49
C CYS B 212 15.89 -15.85 23.82
N PRO B 213 16.98 -16.18 24.50
CA PRO B 213 17.18 -15.67 25.87
C PRO B 213 17.26 -14.15 25.90
N GLY B 214 16.63 -13.56 26.92
CA GLY B 214 16.70 -12.13 27.10
C GLY B 214 15.93 -11.38 26.04
N LEU B 215 14.77 -11.89 25.65
CA LEU B 215 14.01 -11.28 24.57
C LEU B 215 13.51 -9.89 24.96
N HIS B 216 13.81 -8.92 24.10
CA HIS B 216 13.33 -7.55 24.27
C HIS B 216 13.64 -6.78 22.99
N GLY B 217 12.65 -6.08 22.46
CA GLY B 217 12.79 -5.36 21.20
C GLY B 217 11.93 -6.01 20.13
N SER B 218 11.22 -5.17 19.37
CA SER B 218 10.21 -5.65 18.44
C SER B 218 9.96 -4.60 17.36
N ALA B 219 9.80 -5.06 16.12
CA ALA B 219 9.41 -4.16 15.03
C ALA B 219 8.98 -5.00 13.85
N GLY B 220 8.20 -4.39 12.97
CA GLY B 220 7.79 -5.01 11.73
C GLY B 220 8.38 -4.30 10.52
N SER B 221 8.62 -5.06 9.46
CA SER B 221 9.06 -4.48 8.20
C SER B 221 8.45 -5.32 7.08
N GLY B 222 7.48 -4.75 6.39
CA GLY B 222 6.77 -5.53 5.39
C GLY B 222 6.15 -6.75 6.02
N ASP B 223 6.29 -7.90 5.37
CA ASP B 223 5.64 -9.12 5.84
C ASP B 223 6.41 -9.84 6.94
N THR B 224 7.47 -9.25 7.48
CA THR B 224 8.34 -9.91 8.45
C THR B 224 8.34 -9.11 9.75
N PHE B 225 8.16 -9.80 10.86
CA PHE B 225 8.23 -9.18 12.18
C PHE B 225 9.44 -9.72 12.92
N ALA B 226 10.13 -8.85 13.64
CA ALA B 226 11.35 -9.23 14.33
C ALA B 226 11.24 -9.00 15.83
N LEU B 227 11.77 -9.96 16.59
CA LEU B 227 11.95 -9.86 18.04
C LEU B 227 13.43 -10.10 18.30
N SER B 228 14.04 -9.23 19.10
CA SER B 228 15.47 -9.34 19.35
C SER B 228 15.74 -9.92 20.73
N CYS B 229 16.86 -10.63 20.85
CA CYS B 229 17.26 -11.22 22.12
C CYS B 229 18.78 -11.30 22.14
N GLU B 230 19.32 -12.05 23.12
CA GLU B 230 20.77 -12.10 23.31
C GLU B 230 21.49 -12.89 22.21
N THR B 231 20.80 -13.81 21.52
CA THR B 231 21.46 -14.63 20.51
C THR B 231 21.22 -14.18 19.07
N GLY B 232 20.25 -13.33 18.82
CA GLY B 232 19.90 -12.98 17.45
C GLY B 232 18.50 -12.39 17.40
N LEU B 233 17.88 -12.55 16.24
N LEU B 233 17.88 -12.53 16.23
CA LEU B 233 16.52 -12.09 16.00
CA LEU B 233 16.51 -12.09 16.03
C LEU B 233 15.63 -13.29 15.70
C LEU B 233 15.63 -13.28 15.71
N LEU B 234 14.42 -13.28 16.25
CA LEU B 234 13.37 -14.16 15.78
C LEU B 234 12.66 -13.42 14.66
N LEU B 235 12.45 -14.09 13.54
CA LEU B 235 11.81 -13.50 12.37
C LEU B 235 10.53 -14.27 12.12
N ILE B 236 9.42 -13.55 12.01
CA ILE B 236 8.08 -14.14 11.95
C ILE B 236 7.42 -13.75 10.64
N THR B 237 6.80 -14.74 9.97
CA THR B 237 5.97 -14.51 8.80
C THR B 237 4.73 -15.38 8.92
N GLN B 238 3.66 -14.98 8.23
CA GLN B 238 2.46 -15.81 8.14
C GLN B 238 1.95 -15.78 6.72
N LYS B 239 1.65 -16.96 6.18
CA LYS B 239 0.94 -17.03 4.91
C LYS B 239 -0.45 -17.57 5.19
N ASN B 240 -0.77 -18.78 4.77
CA ASN B 240 -2.14 -19.28 4.92
C ASN B 240 -2.21 -20.42 5.92
N ALA B 241 -1.34 -20.36 6.92
CA ALA B 241 -1.29 -21.34 7.99
C ALA B 241 -0.89 -20.60 9.26
N ALA B 242 -0.43 -21.33 10.27
CA ALA B 242 0.05 -20.68 11.47
C ALA B 242 1.31 -19.87 11.13
N PRO B 243 1.58 -18.82 11.88
CA PRO B 243 2.84 -18.09 11.68
C PRO B 243 4.03 -19.02 11.86
N VAL B 244 5.13 -18.67 11.19
CA VAL B 244 6.37 -19.43 11.24
C VAL B 244 7.46 -18.55 11.83
N ILE B 245 8.14 -19.06 12.87
CA ILE B 245 9.22 -18.36 13.54
C ILE B 245 10.54 -18.99 13.13
N ARG B 246 11.49 -18.18 12.68
CA ARG B 246 12.85 -18.65 12.48
C ARG B 246 13.80 -17.76 13.26
N HIS B 247 14.96 -18.32 13.59
CA HIS B 247 15.97 -17.60 14.37
C HIS B 247 17.12 -17.21 13.46
N LEU B 248 17.48 -15.94 13.48
CA LEU B 248 18.63 -15.42 12.76
C LEU B 248 19.69 -15.01 13.76
N PRO B 249 20.75 -15.78 13.97
CA PRO B 249 21.76 -15.37 14.96
C PRO B 249 22.55 -14.16 14.48
N TYR B 250 23.00 -13.37 15.45
CA TYR B 250 23.90 -12.26 15.11
C TYR B 250 25.08 -12.78 14.33
N ALA B 251 25.42 -12.06 13.25
CA ALA B 251 26.59 -12.41 12.44
C ALA B 251 27.83 -12.54 13.31
N LYS B 252 28.67 -13.52 12.96
CA LYS B 252 29.90 -13.75 13.68
C LYS B 252 30.93 -12.68 13.43
N THR B 253 30.73 -11.86 12.41
CA THR B 253 31.57 -10.71 12.11
C THR B 253 31.26 -9.51 13.00
N LEU B 254 30.21 -9.58 13.81
CA LEU B 254 29.92 -8.47 14.71
C LEU B 254 30.74 -8.57 15.98
N PRO B 255 31.05 -7.43 16.59
CA PRO B 255 31.67 -7.45 17.93
C PRO B 255 30.65 -7.90 18.97
N GLU B 256 31.05 -8.00 20.23
CA GLU B 256 30.11 -8.44 21.25
C GLU B 256 29.02 -7.41 21.45
N GLY B 257 27.80 -7.89 21.64
CA GLY B 257 26.66 -7.02 21.86
C GLY B 257 25.38 -7.76 21.55
N SER B 258 24.29 -7.06 21.77
CA SER B 258 22.98 -7.58 21.36
C SER B 258 22.01 -6.41 21.28
N THR B 259 20.85 -6.69 20.69
CA THR B 259 19.84 -5.69 20.40
C THR B 259 18.71 -5.80 21.41
N SER B 260 18.26 -4.66 21.94
CA SER B 260 17.10 -4.60 22.80
C SER B 260 16.01 -3.66 22.29
N THR B 261 16.22 -2.96 21.17
CA THR B 261 15.22 -2.05 20.61
C THR B 261 15.36 -2.11 19.10
N LEU B 262 14.22 -2.18 18.40
CA LEU B 262 14.20 -2.32 16.95
C LEU B 262 13.27 -1.32 16.29
N ILE B 263 13.61 -0.96 15.05
CA ILE B 263 12.71 -0.28 14.12
C ILE B 263 12.79 -1.02 12.79
N GLY B 264 11.75 -0.87 11.99
CA GLY B 264 11.62 -1.58 10.73
C GLY B 264 11.38 -0.66 9.54
N GLY B 265 12.06 -0.95 8.44
CA GLY B 265 11.86 -0.17 7.22
C GLY B 265 10.44 -0.27 6.71
N LYS B 266 9.99 0.80 6.06
CA LYS B 266 8.63 0.81 5.53
C LYS B 266 8.55 0.47 4.05
N GLY B 267 9.32 1.16 3.21
CA GLY B 267 9.28 0.92 1.78
C GLY B 267 10.24 -0.14 1.30
N MET B 268 11.16 -0.51 2.17
CA MET B 268 12.19 -1.50 1.93
C MET B 268 12.23 -2.36 3.18
N GLN B 269 12.50 -3.66 3.04
CA GLN B 269 12.51 -4.56 4.20
C GLN B 269 13.89 -4.58 4.85
N TYR B 270 13.96 -4.07 6.08
CA TYR B 270 15.17 -4.14 6.89
C TYR B 270 14.79 -3.82 8.33
N PHE B 271 15.70 -4.12 9.25
CA PHE B 271 15.57 -3.71 10.63
C PHE B 271 16.82 -2.95 11.03
N ILE B 272 16.65 -1.98 11.93
CA ILE B 272 17.77 -1.36 12.62
C ILE B 272 17.59 -1.63 14.10
N GLY B 273 18.65 -2.12 14.73
CA GLY B 273 18.64 -2.32 16.16
C GLY B 273 19.73 -1.53 16.83
N ASN B 274 19.57 -1.24 18.12
CA ASN B 274 20.73 -0.85 18.88
C ASN B 274 21.66 -2.05 19.04
N TYR B 275 22.87 -1.79 19.51
CA TYR B 275 23.86 -2.85 19.65
C TYR B 275 24.89 -2.37 20.64
N GLY B 276 24.44 -2.12 21.85
CA GLY B 276 25.18 -1.32 22.78
C GLY B 276 24.76 0.12 22.65
N PRO B 277 25.22 0.97 23.57
CA PRO B 277 24.65 2.32 23.66
C PRO B 277 25.09 3.27 22.56
N ASP B 278 26.19 2.99 21.84
CA ASP B 278 26.66 3.90 20.79
C ASP B 278 26.85 3.18 19.45
N ARG B 279 26.20 2.04 19.25
CA ARG B 279 26.26 1.31 18.00
C ARG B 279 24.85 0.94 17.56
N ILE B 280 24.66 0.80 16.25
CA ILE B 280 23.44 0.23 15.71
C ILE B 280 23.83 -0.85 14.71
N ILE B 281 22.90 -1.77 14.47
CA ILE B 281 23.08 -2.75 13.40
C ILE B 281 21.93 -2.61 12.42
N LEU B 282 22.26 -2.85 11.16
CA LEU B 282 21.30 -2.88 10.06
C LEU B 282 21.17 -4.33 9.63
N VAL B 283 19.94 -4.80 9.51
CA VAL B 283 19.67 -6.22 9.27
C VAL B 283 18.78 -6.35 8.05
N ASP B 284 19.21 -7.18 7.09
CA ASP B 284 18.39 -7.50 5.92
C ASP B 284 17.82 -8.91 6.08
N PRO B 285 16.55 -9.06 6.45
CA PRO B 285 16.02 -10.39 6.72
C PRO B 285 15.77 -11.22 5.47
N THR B 286 15.88 -10.62 4.29
CA THR B 286 15.68 -11.33 3.04
C THR B 286 16.99 -11.88 2.47
N GLU B 287 18.14 -11.54 3.05
CA GLU B 287 19.45 -11.86 2.47
C GLU B 287 20.33 -12.59 3.48
N SER B 288 21.30 -13.34 2.94
CA SER B 288 22.22 -14.09 3.79
C SER B 288 23.27 -13.20 4.44
N ASP B 289 23.76 -12.19 3.72
CA ASP B 289 24.71 -11.23 4.28
C ASP B 289 23.92 -10.18 5.07
N SER B 290 23.44 -10.63 6.23
CA SER B 290 22.30 -9.96 6.85
C SER B 290 22.66 -8.72 7.66
N PHE B 291 23.88 -8.62 8.21
CA PHE B 291 24.15 -7.63 9.26
C PHE B 291 25.26 -6.65 8.88
N ARG B 292 25.06 -5.38 9.21
CA ARG B 292 26.10 -4.37 9.13
C ARG B 292 26.07 -3.50 10.38
N LEU B 293 27.26 -3.23 10.92
CA LEU B 293 27.43 -2.41 12.12
C LEU B 293 27.73 -0.97 11.74
N ILE B 294 27.05 -0.02 12.39
CA ILE B 294 27.42 1.39 12.31
C ILE B 294 27.81 1.87 13.70
N GLN B 295 28.99 2.47 13.81
CA GLN B 295 29.47 3.06 15.04
C GLN B 295 29.05 4.52 15.10
N LEU B 296 28.36 4.91 16.19
CA LEU B 296 27.96 6.29 16.35
C LEU B 296 29.02 7.06 17.12
N PRO B 297 29.19 8.35 16.82
CA PRO B 297 30.19 9.13 17.58
C PRO B 297 29.85 9.29 19.04
N THR B 298 28.56 9.42 19.39
CA THR B 298 28.13 9.46 20.78
C THR B 298 26.93 8.53 20.92
N ARG B 299 26.34 8.51 22.12
CA ARG B 299 25.30 7.53 22.43
C ARG B 299 23.97 7.87 21.77
N ARG B 300 23.25 6.81 21.42
CA ARG B 300 21.97 6.94 20.72
C ARG B 300 20.86 7.39 21.68
N VAL B 301 20.09 8.39 21.25
CA VAL B 301 18.90 8.84 21.95
C VAL B 301 17.63 8.23 21.36
N HIS B 302 17.54 8.20 20.02
CA HIS B 302 16.33 7.74 19.35
C HIS B 302 16.66 7.42 17.91
N PHE B 303 15.84 6.57 17.29
CA PHE B 303 15.95 6.41 15.84
C PHE B 303 14.58 6.11 15.24
N VAL B 304 14.45 6.44 13.94
CA VAL B 304 13.23 6.17 13.18
C VAL B 304 13.63 5.96 11.73
N VAL B 305 12.76 5.29 10.97
CA VAL B 305 12.98 5.13 9.54
C VAL B 305 12.28 6.28 8.81
N ASP B 306 12.73 6.54 7.58
CA ASP B 306 12.04 7.47 6.72
C ASP B 306 11.03 6.67 5.89
N PRO B 307 9.73 6.85 6.10
CA PRO B 307 8.74 6.05 5.36
C PRO B 307 8.60 6.45 3.92
N VAL B 308 8.97 7.68 3.57
CA VAL B 308 8.82 8.21 2.22
C VAL B 308 10.06 7.94 1.38
N ARG B 309 11.25 8.21 1.92
CA ARG B 309 12.51 7.93 1.25
C ARG B 309 13.07 6.65 1.86
N ALA B 310 12.75 5.52 1.24
CA ALA B 310 13.04 4.21 1.83
C ALA B 310 14.52 3.94 2.03
N LYS B 311 15.42 4.62 1.32
CA LYS B 311 16.83 4.33 1.51
C LYS B 311 17.40 4.93 2.79
N PHE B 312 16.64 5.69 3.56
CA PHE B 312 17.17 6.46 4.67
C PHE B 312 16.48 6.12 5.98
N ALA B 313 17.25 6.23 7.07
CA ALA B 313 16.72 6.27 8.43
C ALA B 313 17.47 7.38 9.17
N TYR B 314 17.00 7.70 10.36
CA TYR B 314 17.61 8.77 11.14
C TYR B 314 17.88 8.31 12.58
N VAL B 315 19.02 8.73 13.12
N VAL B 315 19.04 8.71 13.09
CA VAL B 315 19.36 8.43 14.51
CA VAL B 315 19.40 8.47 14.49
C VAL B 315 19.80 9.72 15.19
C VAL B 315 19.72 9.80 15.13
N PHE B 316 19.16 10.03 16.31
CA PHE B 316 19.51 11.21 17.10
C PHE B 316 20.46 10.77 18.22
N THR B 317 21.53 11.54 18.42
CA THR B 317 22.55 11.18 19.39
C THR B 317 22.62 12.23 20.49
N GLU B 318 23.25 11.84 21.60
CA GLU B 318 23.23 12.66 22.81
C GLU B 318 23.93 13.99 22.63
N ASP B 319 24.79 14.12 21.61
CA ASP B 319 25.48 15.37 21.33
C ASP B 319 24.57 16.45 20.78
N GLY B 320 23.29 16.14 20.53
CA GLY B 320 22.39 17.10 19.94
C GLY B 320 22.25 17.01 18.45
N LYS B 321 22.86 16.01 17.81
CA LYS B 321 22.90 15.93 16.37
C LYS B 321 21.90 14.91 15.84
N LEU B 322 21.33 15.24 14.68
CA LEU B 322 20.55 14.29 13.91
C LEU B 322 21.46 13.71 12.84
N ASN B 323 21.45 12.38 12.71
CA ASN B 323 22.35 11.70 11.77
C ASN B 323 21.53 10.94 10.74
N GLN B 324 21.86 11.16 9.47
CA GLN B 324 21.21 10.49 8.35
C GLN B 324 21.91 9.16 8.11
N ILE B 325 21.14 8.07 8.14
CA ILE B 325 21.65 6.73 7.84
C ILE B 325 21.29 6.38 6.41
N ASP B 326 22.31 6.14 5.59
CA ASP B 326 22.13 5.56 4.25
C ASP B 326 22.15 4.04 4.44
N VAL B 327 20.97 3.45 4.38
CA VAL B 327 20.79 2.05 4.76
C VAL B 327 21.49 1.12 3.77
N LEU B 328 21.44 1.45 2.48
CA LEU B 328 22.07 0.60 1.48
C LEU B 328 23.59 0.69 1.52
N LYS B 329 24.14 1.87 1.83
CA LYS B 329 25.58 1.98 1.97
C LYS B 329 26.07 1.52 3.34
N GLY B 330 25.18 1.45 4.33
CA GLY B 330 25.58 1.02 5.65
C GLY B 330 26.46 2.03 6.37
N GLU B 331 26.12 3.32 6.26
CA GLU B 331 26.93 4.35 6.89
C GLU B 331 26.09 5.57 7.21
N ILE B 332 26.63 6.40 8.09
CA ILE B 332 26.11 7.74 8.33
C ILE B 332 26.55 8.64 7.19
N SER B 333 25.59 9.16 6.42
CA SER B 333 25.94 9.98 5.26
C SER B 333 26.11 11.45 5.60
N GLN B 334 25.44 11.94 6.66
CA GLN B 334 25.70 13.29 7.13
C GLN B 334 25.02 13.48 8.48
N SER B 335 25.41 14.57 9.16
CA SER B 335 24.91 14.91 10.49
C SER B 335 24.69 16.41 10.55
N VAL B 336 23.73 16.83 11.39
CA VAL B 336 23.43 18.24 11.60
C VAL B 336 23.05 18.45 13.06
N ARG B 337 23.53 19.54 13.66
N ARG B 337 23.54 19.54 13.65
CA ARG B 337 23.17 19.85 15.03
CA ARG B 337 23.18 19.88 15.02
C ARG B 337 21.77 20.45 15.07
C ARG B 337 21.76 20.45 15.06
N VAL B 338 20.93 19.91 15.95
CA VAL B 338 19.54 20.31 16.07
C VAL B 338 19.22 20.88 17.44
N THR B 339 19.73 20.27 18.52
CA THR B 339 19.50 20.75 19.87
C THR B 339 20.84 20.90 20.59
N ASP B 340 20.81 21.53 21.76
CA ASP B 340 21.93 21.39 22.68
C ASP B 340 22.10 19.92 23.04
N PRO B 341 23.27 19.53 23.51
CA PRO B 341 23.45 18.13 23.95
C PRO B 341 22.43 17.75 25.01
N TYR B 342 22.03 16.49 24.97
CA TYR B 342 21.28 15.84 26.04
C TYR B 342 22.13 14.65 26.53
N SER B 343 23.26 14.95 27.15
CA SER B 343 24.16 13.91 27.64
C SER B 343 23.41 12.97 28.58
N MET B 344 23.35 11.68 28.24
CA MET B 344 22.47 10.80 29.00
C MET B 344 23.15 10.12 30.18
N ASP B 345 24.48 10.05 30.21
CA ASP B 345 25.18 9.46 31.34
C ASP B 345 24.73 10.07 32.65
N GLY B 346 23.97 9.33 33.46
CA GLY B 346 23.62 9.72 34.82
C GLY B 346 22.19 10.21 35.01
N HIS B 347 21.55 10.71 33.96
CA HIS B 347 20.15 11.16 34.04
C HIS B 347 19.35 10.45 32.96
N TRP B 348 19.38 9.11 33.01
CA TRP B 348 18.78 8.29 31.95
C TRP B 348 17.28 8.47 31.85
N ASN B 349 16.63 9.07 32.85
CA ASN B 349 15.17 9.12 32.90
C ASN B 349 14.58 10.41 32.36
N ASP B 350 15.38 11.46 32.16
CA ASP B 350 14.84 12.76 31.81
C ASP B 350 14.36 12.79 30.36
N PRO B 351 13.38 13.64 30.04
CA PRO B 351 12.96 13.80 28.65
C PRO B 351 14.12 14.20 27.75
N ARG B 352 14.14 13.69 26.53
CA ARG B 352 15.08 13.78 25.42
C ARG B 352 14.36 13.84 24.09
N PRO B 353 15.03 14.35 23.06
CA PRO B 353 14.40 14.45 21.73
C PRO B 353 13.90 13.13 21.16
N ARG B 354 12.84 13.24 20.35
CA ARG B 354 12.29 12.15 19.57
C ARG B 354 12.08 12.64 18.15
N ILE B 355 12.25 11.74 17.17
CA ILE B 355 12.18 12.04 15.74
C ILE B 355 10.86 11.52 15.17
N ALA B 356 10.24 12.31 14.29
CA ALA B 356 9.19 11.83 13.40
C ALA B 356 9.45 12.35 11.98
N VAL B 357 8.81 11.70 11.00
CA VAL B 357 8.92 12.11 9.60
C VAL B 357 7.51 12.29 9.03
N ALA B 358 7.29 13.40 8.34
CA ALA B 358 6.03 13.65 7.64
C ALA B 358 6.34 14.34 6.33
N ASP B 359 5.81 13.78 5.24
CA ASP B 359 5.95 14.35 3.89
C ASP B 359 7.44 14.51 3.61
N ASN B 360 7.94 15.71 3.33
CA ASN B 360 9.35 15.91 3.03
C ASN B 360 10.07 16.63 4.17
N LYS B 361 9.60 16.42 5.40
CA LYS B 361 10.14 17.10 6.56
C LYS B 361 10.43 16.10 7.67
N ILE B 362 11.44 16.44 8.46
CA ILE B 362 11.82 15.70 9.65
C ILE B 362 11.55 16.58 10.86
N TYR B 363 11.01 15.98 11.92
CA TYR B 363 10.57 16.69 13.11
C TYR B 363 11.29 16.12 14.32
N VAL B 364 11.90 17.00 15.11
CA VAL B 364 12.67 16.61 16.28
C VAL B 364 12.13 17.39 17.47
N THR B 365 11.61 16.69 18.47
CA THR B 365 11.15 17.37 19.66
C THR B 365 12.34 17.83 20.49
N ASP B 366 12.19 18.99 21.11
CA ASP B 366 13.21 19.57 21.98
C ASP B 366 12.50 19.89 23.28
N PRO B 367 12.27 18.87 24.12
CA PRO B 367 11.35 19.07 25.26
C PRO B 367 11.77 20.20 26.19
N LEU B 368 13.07 20.34 26.48
CA LEU B 368 13.51 21.37 27.41
C LEU B 368 13.30 22.78 26.87
N LYS B 369 13.11 22.94 25.57
CA LYS B 369 12.88 24.25 24.96
C LYS B 369 11.44 24.45 24.51
N SER B 370 10.56 23.49 24.77
CA SER B 370 9.15 23.60 24.41
C SER B 370 8.99 23.91 22.92
N LYS B 371 9.69 23.15 22.08
CA LYS B 371 9.56 23.37 20.64
C LYS B 371 9.85 22.07 19.89
N ILE B 372 9.44 22.07 18.62
CA ILE B 372 9.79 21.03 17.67
C ILE B 372 10.58 21.69 16.55
N ILE B 373 11.75 21.14 16.24
CA ILE B 373 12.57 21.61 15.13
C ILE B 373 12.13 20.91 13.85
N VAL B 374 12.02 21.66 12.76
CA VAL B 374 11.57 21.11 11.48
C VAL B 374 12.71 21.22 10.47
N LEU B 375 13.07 20.10 9.87
CA LEU B 375 14.13 20.05 8.88
C LEU B 375 13.58 19.59 7.54
N ASP B 376 14.14 20.14 6.47
CA ASP B 376 13.89 19.60 5.14
C ASP B 376 14.64 18.28 5.00
N ALA B 377 13.93 17.24 4.56
CA ALA B 377 14.53 15.90 4.63
C ALA B 377 15.69 15.75 3.66
N THR B 378 15.62 16.35 2.48
CA THR B 378 16.64 16.11 1.47
C THR B 378 17.85 17.00 1.67
N SER B 379 17.64 18.29 2.00
CA SER B 379 18.74 19.18 2.30
C SER B 379 19.29 18.95 3.71
N PHE B 380 18.48 18.40 4.60
CA PHE B 380 18.91 18.07 5.95
C PHE B 380 19.31 19.33 6.71
N LYS B 381 18.53 20.40 6.50
CA LYS B 381 18.73 21.67 7.18
C LYS B 381 17.42 22.15 7.79
N LYS B 382 17.53 22.84 8.92
CA LYS B 382 16.36 23.39 9.58
C LYS B 382 15.64 24.37 8.67
N THR B 383 14.31 24.25 8.60
CA THR B 383 13.50 25.20 7.85
C THR B 383 12.48 25.95 8.70
N SER B 384 12.14 25.46 9.87
CA SER B 384 11.24 26.18 10.78
C SER B 384 11.33 25.53 12.15
N GLU B 385 10.63 26.11 13.12
CA GLU B 385 10.42 25.46 14.40
C GLU B 385 9.02 25.78 14.89
N ILE B 386 8.45 24.85 15.66
CA ILE B 386 7.08 24.91 16.13
C ILE B 386 7.11 25.00 17.64
N SER B 387 6.41 25.99 18.19
CA SER B 387 6.32 26.16 19.63
C SER B 387 5.19 25.29 20.16
N VAL B 388 5.48 24.53 21.22
CA VAL B 388 4.54 23.59 21.83
C VAL B 388 4.74 23.70 23.33
N GLU B 389 3.74 24.19 24.04
CA GLU B 389 3.93 24.43 25.47
C GLU B 389 4.16 23.11 26.20
N GLY B 390 4.97 23.19 27.25
CA GLY B 390 5.30 22.01 28.02
C GLY B 390 6.63 21.38 27.61
N GLN B 391 6.69 20.05 27.75
CA GLN B 391 7.86 19.25 27.39
C GLN B 391 7.43 18.29 26.30
N PRO B 392 7.29 18.77 25.07
CA PRO B 392 6.93 17.86 23.98
C PRO B 392 7.96 16.76 23.86
N PHE B 393 7.48 15.52 23.87
CA PHE B 393 8.36 14.37 24.04
C PHE B 393 8.13 13.34 22.94
N ASN B 394 7.24 12.38 23.15
CA ASN B 394 6.97 11.36 22.14
C ASN B 394 6.18 11.94 20.98
N ILE B 395 6.48 11.46 19.78
CA ILE B 395 5.87 12.03 18.58
C ILE B 395 5.69 10.93 17.54
N VAL B 396 4.52 10.95 16.88
CA VAL B 396 4.27 10.14 15.70
C VAL B 396 3.57 11.02 14.68
N ALA B 397 3.65 10.60 13.42
CA ALA B 397 3.09 11.36 12.30
C ALA B 397 2.33 10.42 11.36
N VAL B 398 1.22 10.91 10.82
CA VAL B 398 0.48 10.20 9.79
C VAL B 398 0.17 11.16 8.65
N GLY B 399 -0.20 10.60 7.50
CA GLY B 399 -0.67 11.43 6.41
C GLY B 399 -0.19 10.95 5.06
N GLY B 400 -0.44 11.79 4.07
CA GLY B 400 -0.18 11.52 2.66
C GLY B 400 -0.99 12.48 1.80
N SER B 401 -1.36 12.02 0.61
CA SER B 401 -2.20 12.87 -0.23
C SER B 401 -3.15 12.00 -1.04
N GLY B 402 -4.25 12.61 -1.49
CA GLY B 402 -5.21 11.90 -2.28
C GLY B 402 -6.16 12.84 -2.96
N LYS B 403 -7.06 12.27 -3.75
CA LYS B 403 -8.09 13.06 -4.38
C LYS B 403 -9.27 13.28 -3.44
N VAL B 404 -9.95 14.40 -3.65
CA VAL B 404 -11.24 14.69 -3.04
C VAL B 404 -12.19 15.01 -4.18
N HIS B 405 -13.25 14.23 -4.31
CA HIS B 405 -14.15 14.37 -5.46
C HIS B 405 -15.24 15.40 -5.19
O1 MES C . -6.99 -2.68 -16.24
C2 MES C . -7.80 -3.65 -15.59
C3 MES C . -9.00 -3.04 -14.86
N4 MES C . -8.59 -1.87 -14.09
C5 MES C . -7.84 -0.88 -14.86
C6 MES C . -6.61 -1.61 -15.38
C7 MES C . -9.70 -1.33 -13.30
C8 MES C . -9.15 -0.32 -12.32
S MES C . -9.97 -0.30 -10.86
O1S MES C . -10.25 -1.69 -10.40
O2S MES C . -11.24 0.41 -11.01
O3S MES C . -9.10 0.41 -9.91
H21 MES C . -7.18 -4.18 -14.86
H22 MES C . -8.14 -4.38 -16.31
H31 MES C . -9.76 -2.74 -15.59
H32 MES C . -9.45 -3.78 -14.20
HN4 MES C . -7.93 -2.23 -13.41
H51 MES C . -7.56 -0.04 -14.23
H52 MES C . -8.44 -0.51 -15.70
H61 MES C . -5.96 -0.91 -15.91
H62 MES C . -6.03 -2.01 -14.53
H71 MES C . -10.43 -0.86 -13.96
H72 MES C . -10.19 -2.14 -12.76
H81 MES C . -8.10 -0.54 -12.13
H82 MES C . -9.20 0.67 -12.76
ZN ZN D . -4.16 -15.98 -44.05
ZN ZN E . -11.35 4.99 -9.70
C1 EDO F . 17.71 -2.86 -9.35
O1 EDO F . 18.36 -4.13 -9.53
C2 EDO F . 18.56 -1.95 -8.48
O2 EDO F . 18.27 -2.18 -7.10
H11 EDO F . 17.54 -2.39 -10.33
H12 EDO F . 16.73 -3.01 -8.88
HO1 EDO F . 17.81 -4.70 -10.08
H21 EDO F . 19.61 -2.13 -8.68
H22 EDO F . 18.35 -0.90 -8.74
HO2 EDO F . 18.82 -1.60 -6.55
C1 EDO G . -33.16 6.35 -11.33
O1 EDO G . -33.87 6.45 -12.57
C2 EDO G . -33.83 5.36 -10.40
O2 EDO G . -35.25 5.61 -10.35
H11 EDO G . -32.13 6.03 -11.52
H12 EDO G . -33.13 7.33 -10.85
HO1 EDO G . -33.42 7.08 -13.15
H21 EDO G . -33.66 4.34 -10.76
H22 EDO G . -33.42 5.44 -9.40
HO2 EDO G . -35.67 4.96 -9.76
O1 MES H . -0.67 9.01 0.02
C2 MES H . -1.59 8.13 -0.63
C3 MES H . -2.15 7.13 0.38
N4 MES H . -1.08 6.36 0.99
C5 MES H . -0.06 7.23 1.58
C6 MES H . 0.41 8.23 0.51
C7 MES H . -1.62 5.35 1.91
C8 MES H . -0.54 4.38 2.40
S MES H . -1.24 2.97 3.01
O1S MES H . -0.23 2.08 3.62
O2S MES H . -2.25 3.35 4.02
O3S MES H . -1.92 2.30 1.88
H21 MES H . -1.07 7.58 -1.43
H22 MES H . -2.40 8.70 -1.08
H31 MES H . -2.70 7.67 1.15
H32 MES H . -2.85 6.46 -0.11
HN4 MES H . -0.63 5.86 0.24
H51 MES H . 0.78 6.62 1.93
H52 MES H . -0.48 7.76 2.44
H61 MES H . 1.18 8.88 0.94
H62 MES H . 0.88 7.68 -0.31
H71 MES H . -2.08 5.85 2.77
H72 MES H . -2.41 4.79 1.40
H81 MES H . 0.13 4.13 1.57
H82 MES H . 0.06 4.86 3.18
ZN ZN I . -11.04 7.66 -6.16
ZN ZN J . 10.16 -2.58 26.68
C1 EDO K . 28.63 -13.11 17.92
O1 EDO K . 28.04 -12.41 16.82
C2 EDO K . 27.54 -13.56 18.88
O2 EDO K . 27.86 -13.12 20.20
H11 EDO K . 29.18 -13.99 17.55
H12 EDO K . 29.34 -12.46 18.44
HO1 EDO K . 28.74 -12.12 16.22
H21 EDO K . 26.58 -13.14 18.57
H22 EDO K . 27.45 -14.65 18.86
HO2 EDO K . 27.16 -13.41 20.81
C1 EDO L . 21.09 24.53 16.28
O1 EDO L . 22.04 24.95 15.29
C2 EDO L . 21.73 24.59 17.66
O2 EDO L . 20.83 24.03 18.63
H11 EDO L . 20.22 25.19 16.25
H12 EDO L . 20.76 23.51 16.07
HO1 EDO L . 21.63 24.90 14.41
H21 EDO L . 22.66 24.01 17.67
H22 EDO L . 21.95 25.62 17.93
HO2 EDO L . 21.23 24.06 19.50
C1 PGE M . 25.12 -4.85 2.32
O1 PGE M . 26.03 -3.91 2.88
C2 PGE M . 24.57 -5.74 3.41
O2 PGE M . 23.72 -5.01 4.27
C3 PGE M . 23.09 -5.81 5.26
C4 PGE M . 21.97 -5.01 5.91
O4 PGE M . 18.88 -3.99 3.31
C6 PGE M . 19.45 -2.98 4.14
C5 PGE M . 20.11 -3.61 5.34
O3 PGE M . 21.23 -4.35 4.89
H1 PGE M . 24.28 -4.35 1.82
H12 PGE M . 25.62 -5.48 1.57
HO1 PGE M . 26.31 -3.30 2.17
H2 PGE M . 24.01 -6.58 2.93
H22 PGE M . 25.41 -6.20 3.96
H3 PGE M . 22.66 -6.72 4.81
H32 PGE M . 23.81 -6.12 6.04
H4 PGE M . 21.33 -5.69 6.50
H42 PGE M . 22.42 -4.27 6.61
HO4 PGE M . 18.26 -3.57 2.71
H6 PGE M . 18.66 -2.28 4.49
H62 PGE M . 20.19 -2.38 3.60
H5 PGE M . 19.38 -4.26 5.86
H52 PGE M . 20.42 -2.82 6.04
C1 PEG N . -19.09 7.59 20.72
O1 PEG N . -19.90 7.73 21.85
C2 PEG N . -19.88 6.96 19.57
O2 PEG N . -19.01 6.35 18.64
C3 PEG N . -18.06 7.21 18.06
C4 PEG N . -17.40 6.53 16.85
O4 PEG N . -17.37 7.43 15.77
H11 PEG N . -18.78 8.47 20.44
H12 PEG N . -18.34 7.04 20.94
HO1 PEG N . -19.44 7.98 22.51
H21 PEG N . -20.48 6.30 19.92
H22 PEG N . -20.39 7.65 19.11
H31 PEG N . -18.51 8.03 17.77
H32 PEG N . -17.39 7.44 18.72
H41 PEG N . -16.49 6.27 17.09
H42 PEG N . -17.91 5.75 16.61
HO4 PEG N . -17.08 7.02 15.09
#